data_5BV0
#
_entry.id   5BV0
#
_cell.length_a   101.030
_cell.length_b   258.936
_cell.length_c   75.274
_cell.angle_alpha   90.000
_cell.angle_beta   90.000
_cell.angle_gamma   90.000
#
_symmetry.space_group_name_H-M   'P 21 21 2'
#
loop_
_entity.id
_entity.type
_entity.pdbx_description
1 polymer 'SM (Sec1/Munc18-like) protein'
2 polymer Vps16
3 polymer 'SNARE domain'
#
loop_
_entity_poly.entity_id
_entity_poly.type
_entity_poly.pdbx_seq_one_letter_code
_entity_poly.pdbx_strand_id
1 'polypeptide(L)'
;GSMAPRAGFDAEQVRDKARKDLLHLLEGVRGKKNLVIEKDLAGPLGVIVKASTLRDYGVDNFFFLENKNTGTSQRNIVFI
ARGESVRNAHAIAAQIKRIQRESQTSHDFHIFWVPRRTLFSDKVLEEAGVLGDANISELPLYFFPLERDVLSLELNDSFR
DLYLAKDPTPVFLLSRALMGIQKKHGLFPRIIGKGENAKRVADLLSRMRQELLAGEEAGESDRAGLSPSTTIESVIIIDR
EVDFVTPLLTQLTYEGLIDEYFGIQNNQTDVDAVIVGAPAQSAASTSTAVPTNSSQSRKRKIQLDGSDSLYSQLRDANFA
IVGSLLNTVARRLKSDYESRHNTKTTAELKEFVKKLPGYQAEQQSLKIHSNIAEEIINYTRTEIFNKLLEVQQNLAAGAD
PSSQFDSIEELVARDTPLPQVLRLLCLYSCISGGIKTKELDHFRRLVLQGYGHQHLLTLHNLERLQMFLSKSSPLASMIT
MSGSSGGPDQKTNYTYLRKQLRLIVDEVNEQDPNDIAYVYSGYAPLSIRLVQCVLQKQYLLSITKGSGTVIAAGPVAGGG
AQGWKGFEEIVKHARGPTFDEIQKGEDKAVKARALLSGSSGDKKTVFVVFVGGITFTEIAALRFIAKQEEARRNIVICTT
SIINGNRMMNAAIETATFEKTTVTTAAAQ
;
A
2 'polypeptide(L)'
;MGSSFEVIARTAYEEGRTRLATELLNHEPRAGRQVPLLLSMEEDELALDKAIESGDTDLIYFVIHQLRRKLPLASFFRVV
SSRPTASAMVEALARNSDGDGNEDTALLKDLYYQDDRRLDGASVFIREALQQPETRTASDKLDLAANLLQGNQKEHVFEL
GALKEAKMLLRMQETFERDLTDSFVGLSVNQTMFKLIKLGYHGRAKKIQSEFKVPERVAWWIRLQALVA
;
B
3 'polypeptide(L)'
;(UNK)(UNK)(UNK)(UNK)(UNK)(UNK)(UNK)(UNK)(UNK)(UNK)(UNK)(UNK)(UNK)(UNK)(UNK)RIDLL
VDKTDRLGGSAREFRLRSRGLKRKM
;
C
#
# COMPACT_ATOMS: atom_id res chain seq x y z
N ALA A 7 32.59 -7.34 1.06
CA ALA A 7 32.42 -6.69 2.36
C ALA A 7 31.21 -5.76 2.35
N GLY A 8 30.57 -5.63 1.19
CA GLY A 8 29.45 -4.72 1.04
C GLY A 8 28.14 -5.32 1.52
N PHE A 9 27.03 -4.71 1.13
CA PHE A 9 25.71 -5.20 1.50
C PHE A 9 25.22 -6.33 0.59
N ASP A 10 24.70 -7.39 1.21
CA ASP A 10 24.12 -8.51 0.48
C ASP A 10 22.75 -8.80 1.08
N ALA A 11 21.71 -8.81 0.24
CA ALA A 11 20.35 -9.05 0.70
C ALA A 11 20.12 -10.41 1.36
N GLU A 12 20.99 -11.38 1.04
CA GLU A 12 20.82 -12.72 1.58
C GLU A 12 21.13 -12.79 3.08
N GLN A 13 22.04 -11.93 3.55
CA GLN A 13 22.39 -11.93 4.97
C GLN A 13 21.23 -11.42 5.80
N VAL A 14 20.31 -10.70 5.16
CA VAL A 14 19.11 -10.24 5.83
C VAL A 14 18.17 -11.44 6.02
N ARG A 15 17.99 -12.19 4.94
CA ARG A 15 17.18 -13.41 4.98
C ARG A 15 17.71 -14.39 6.02
N ASP A 16 19.03 -14.56 6.03
CA ASP A 16 19.66 -15.53 6.93
C ASP A 16 19.47 -15.15 8.40
N LYS A 17 19.72 -13.89 8.72
CA LYS A 17 19.53 -13.39 10.09
C LYS A 17 18.08 -13.53 10.52
N ALA A 18 17.16 -13.21 9.61
CA ALA A 18 15.74 -13.30 9.88
C ALA A 18 15.36 -14.74 10.23
N ARG A 19 15.82 -15.67 9.41
CA ARG A 19 15.60 -17.10 9.65
C ARG A 19 16.25 -17.54 10.95
N LYS A 20 17.50 -17.10 11.17
CA LYS A 20 18.26 -17.50 12.35
C LYS A 20 17.66 -16.94 13.65
N ASP A 21 17.15 -15.72 13.63
CA ASP A 21 16.55 -15.14 14.81
C ASP A 21 15.23 -15.82 15.20
N LEU A 22 14.45 -16.18 14.19
CA LEU A 22 13.18 -16.87 14.41
C LEU A 22 13.42 -18.26 15.00
N LEU A 23 14.32 -19.00 14.37
CA LEU A 23 14.59 -20.37 14.76
C LEU A 23 15.24 -20.43 16.15
N HIS A 24 16.09 -19.45 16.44
CA HIS A 24 16.77 -19.36 17.74
C HIS A 24 15.77 -19.16 18.87
N LEU A 25 14.61 -18.61 18.55
CA LEU A 25 13.54 -18.42 19.53
C LEU A 25 12.69 -19.69 19.63
N LEU A 26 12.66 -20.45 18.55
CA LEU A 26 11.95 -21.73 18.55
C LEU A 26 12.71 -22.77 19.37
N GLU A 27 14.04 -22.68 19.35
CA GLU A 27 14.85 -23.50 20.24
C GLU A 27 14.51 -23.14 21.68
N GLY A 28 14.38 -21.84 21.94
CA GLY A 28 14.10 -21.32 23.27
C GLY A 28 12.87 -21.96 23.87
N VAL A 29 11.87 -22.21 23.04
CA VAL A 29 10.70 -22.98 23.44
C VAL A 29 11.01 -24.46 23.24
N ARG A 30 11.29 -25.15 24.33
CA ARG A 30 11.74 -26.55 24.27
C ARG A 30 10.56 -27.52 24.07
N GLY A 31 10.78 -28.55 23.27
CA GLY A 31 9.74 -29.50 22.95
C GLY A 31 9.06 -29.15 21.64
N LYS A 32 8.02 -29.90 21.29
CA LYS A 32 7.25 -29.61 20.08
C LYS A 32 6.25 -28.49 20.39
N LYS A 33 5.79 -27.78 19.36
CA LYS A 33 4.89 -26.65 19.56
C LYS A 33 3.90 -26.45 18.42
N ASN A 34 2.74 -25.88 18.76
CA ASN A 34 1.75 -25.46 17.77
C ASN A 34 1.85 -23.96 17.51
N LEU A 35 1.75 -23.54 16.24
CA LEU A 35 2.05 -22.17 15.86
C LEU A 35 0.79 -21.35 15.52
N VAL A 36 0.77 -20.10 15.98
CA VAL A 36 -0.32 -19.18 15.69
C VAL A 36 0.27 -17.91 15.10
N ILE A 37 -0.07 -17.61 13.85
CA ILE A 37 0.53 -16.49 13.15
C ILE A 37 -0.48 -15.46 12.67
N GLU A 38 -0.14 -14.19 12.83
CA GLU A 38 -0.88 -13.10 12.22
C GLU A 38 -0.89 -13.29 10.70
N LYS A 39 -2.07 -13.26 10.10
CA LYS A 39 -2.24 -13.63 8.69
C LYS A 39 -1.33 -12.81 7.77
N ASP A 40 -1.40 -11.48 7.86
CA ASP A 40 -0.58 -10.65 6.99
C ASP A 40 0.87 -10.58 7.46
N LEU A 41 1.30 -11.61 8.18
CA LEU A 41 2.69 -11.77 8.57
C LEU A 41 3.17 -13.14 8.11
N ALA A 42 2.22 -14.05 7.94
CA ALA A 42 2.49 -15.40 7.44
C ALA A 42 3.12 -15.37 6.06
N GLY A 43 2.55 -14.55 5.18
CA GLY A 43 3.07 -14.32 3.84
C GLY A 43 4.54 -13.96 3.79
N PRO A 44 4.90 -12.79 4.35
CA PRO A 44 6.29 -12.32 4.43
C PRO A 44 7.24 -13.35 5.02
N LEU A 45 6.79 -14.07 6.04
CA LEU A 45 7.61 -15.10 6.69
C LEU A 45 8.02 -16.21 5.72
N GLY A 46 7.14 -16.56 4.79
CA GLY A 46 7.43 -17.59 3.80
C GLY A 46 8.60 -17.28 2.87
N VAL A 47 9.08 -16.05 2.92
CA VAL A 47 10.18 -15.60 2.07
C VAL A 47 11.55 -15.82 2.72
N ILE A 48 11.55 -15.96 4.05
CA ILE A 48 12.79 -16.12 4.80
C ILE A 48 12.99 -17.54 5.32
N VAL A 49 11.92 -18.31 5.37
CA VAL A 49 11.98 -19.65 5.95
C VAL A 49 11.01 -20.57 5.22
N LYS A 50 11.39 -21.84 5.11
CA LYS A 50 10.50 -22.84 4.52
C LYS A 50 9.53 -23.33 5.60
N ALA A 51 8.31 -23.64 5.19
CA ALA A 51 7.36 -24.26 6.12
C ALA A 51 7.85 -25.65 6.48
N SER A 52 8.57 -26.26 5.54
CA SER A 52 9.28 -27.50 5.77
C SER A 52 10.19 -27.41 7.00
N THR A 53 11.16 -26.50 6.92
CA THR A 53 12.09 -26.22 8.01
C THR A 53 11.44 -25.98 9.38
N LEU A 54 10.25 -25.40 9.39
CA LEU A 54 9.58 -25.06 10.64
C LEU A 54 9.07 -26.30 11.37
N ARG A 55 8.52 -27.25 10.64
CA ARG A 55 8.06 -28.52 11.22
C ARG A 55 9.19 -29.28 11.91
N ASP A 56 10.35 -29.34 11.25
CA ASP A 56 11.55 -29.98 11.79
C ASP A 56 11.98 -29.41 13.14
N TYR A 57 11.62 -28.15 13.39
CA TYR A 57 11.99 -27.50 14.64
C TYR A 57 10.86 -27.67 15.66
N GLY A 58 9.86 -28.44 15.27
CA GLY A 58 8.86 -28.92 16.21
C GLY A 58 7.49 -28.30 16.08
N VAL A 59 7.09 -27.95 14.87
CA VAL A 59 5.77 -27.39 14.65
C VAL A 59 4.86 -28.48 14.09
N ASP A 60 3.73 -28.72 14.74
CA ASP A 60 2.81 -29.77 14.31
C ASP A 60 1.76 -29.23 13.34
N ASN A 61 1.00 -28.23 13.79
CA ASN A 61 -0.05 -27.62 12.98
C ASN A 61 0.04 -26.09 12.95
N PHE A 62 -0.40 -25.49 11.85
CA PHE A 62 -0.35 -24.04 11.68
C PHE A 62 -1.76 -23.45 11.82
N PHE A 63 -1.88 -22.34 12.54
CA PHE A 63 -3.17 -21.68 12.73
C PHE A 63 -3.06 -20.17 12.57
N PHE A 64 -3.99 -19.58 11.82
CA PHE A 64 -4.10 -18.12 11.75
C PHE A 64 -4.73 -17.51 13.00
N LEU A 65 -4.14 -16.42 13.49
CA LEU A 65 -4.60 -15.74 14.69
C LEU A 65 -6.02 -15.18 14.62
N GLU A 66 -6.40 -14.70 13.45
CA GLU A 66 -7.69 -14.05 13.27
C GLU A 66 -8.83 -15.03 13.03
N ASN A 67 -8.53 -16.31 13.17
CA ASN A 67 -9.53 -17.35 12.99
C ASN A 67 -10.18 -17.83 14.29
N LYS A 68 -9.51 -17.59 15.40
CA LYS A 68 -10.02 -17.98 16.72
C LYS A 68 -10.32 -19.48 16.77
N ASN A 69 -9.46 -20.27 16.13
CA ASN A 69 -9.61 -21.72 16.15
C ASN A 69 -8.28 -22.43 16.35
N THR A 70 -7.53 -22.02 17.36
CA THR A 70 -6.26 -22.67 17.68
C THR A 70 -6.52 -24.05 18.26
N GLY A 71 -5.86 -25.06 17.70
CA GLY A 71 -6.07 -26.44 18.12
C GLY A 71 -5.31 -26.80 19.39
N THR A 72 -5.96 -27.59 20.23
CA THR A 72 -5.36 -28.04 21.49
C THR A 72 -4.45 -29.24 21.30
N SER A 73 -4.16 -29.56 20.04
CA SER A 73 -3.31 -30.71 19.70
C SER A 73 -2.02 -30.74 20.52
N GLN A 74 -1.07 -29.89 20.20
CA GLN A 74 0.18 -29.83 20.96
C GLN A 74 -0.04 -28.97 22.21
N ARG A 75 0.84 -29.09 23.19
CA ARG A 75 0.69 -28.34 24.43
C ARG A 75 1.20 -26.91 24.29
N ASN A 76 2.41 -26.75 23.76
CA ASN A 76 3.02 -25.44 23.55
C ASN A 76 2.32 -24.64 22.45
N ILE A 77 1.83 -23.44 22.81
CA ILE A 77 1.22 -22.53 21.83
C ILE A 77 2.07 -21.27 21.61
N VAL A 78 2.55 -21.09 20.39
CA VAL A 78 3.42 -19.96 20.05
C VAL A 78 2.71 -18.93 19.17
N PHE A 79 2.72 -17.67 19.61
CA PHE A 79 2.15 -16.58 18.83
C PHE A 79 3.23 -15.74 18.15
N ILE A 80 3.02 -15.44 16.88
CA ILE A 80 3.86 -14.49 16.16
C ILE A 80 3.00 -13.42 15.49
N ALA A 81 3.07 -12.20 16.00
CA ALA A 81 2.29 -11.09 15.45
C ALA A 81 3.05 -9.78 15.55
N ARG A 82 2.71 -8.83 14.68
CA ARG A 82 3.32 -7.51 14.75
C ARG A 82 2.86 -6.78 16.01
N GLY A 83 3.81 -6.23 16.74
CA GLY A 83 3.55 -5.68 18.06
C GLY A 83 2.98 -4.27 18.04
N GLU A 84 3.17 -3.57 16.93
CA GLU A 84 2.68 -2.21 16.82
C GLU A 84 1.16 -2.18 16.64
N SER A 85 0.58 -3.34 16.36
CA SER A 85 -0.85 -3.47 16.09
C SER A 85 -1.69 -3.52 17.36
N VAL A 86 -2.57 -2.54 17.54
CA VAL A 86 -3.48 -2.55 18.68
C VAL A 86 -4.42 -3.76 18.66
N ARG A 87 -4.94 -4.11 17.48
CA ARG A 87 -5.83 -5.25 17.33
C ARG A 87 -5.16 -6.58 17.69
N ASN A 88 -3.91 -6.73 17.28
CA ASN A 88 -3.18 -7.98 17.46
C ASN A 88 -3.02 -8.31 18.92
N ALA A 89 -2.81 -7.27 19.73
CA ALA A 89 -2.68 -7.44 21.18
C ALA A 89 -3.97 -8.05 21.74
N HIS A 90 -5.10 -7.40 21.43
CA HIS A 90 -6.41 -7.86 21.86
C HIS A 90 -6.75 -9.25 21.34
N ALA A 91 -6.38 -9.54 20.09
CA ALA A 91 -6.71 -10.80 19.45
C ALA A 91 -6.07 -11.97 20.18
N ILE A 92 -4.80 -11.80 20.54
CA ILE A 92 -4.08 -12.84 21.24
C ILE A 92 -4.65 -13.00 22.65
N ALA A 93 -4.84 -11.87 23.33
CA ALA A 93 -5.39 -11.86 24.68
C ALA A 93 -6.74 -12.57 24.75
N ALA A 94 -7.56 -12.38 23.72
CA ALA A 94 -8.87 -13.03 23.64
C ALA A 94 -8.71 -14.53 23.51
N GLN A 95 -7.69 -14.93 22.75
CA GLN A 95 -7.42 -16.34 22.50
C GLN A 95 -6.81 -17.04 23.71
N ILE A 96 -6.10 -16.29 24.55
CA ILE A 96 -5.48 -16.87 25.74
C ILE A 96 -6.55 -17.22 26.78
N LYS A 97 -7.73 -16.62 26.66
CA LYS A 97 -8.83 -16.97 27.55
C LYS A 97 -9.70 -18.06 26.93
N ARG A 98 -9.80 -18.06 25.62
CA ARG A 98 -10.52 -19.10 24.89
C ARG A 98 -9.81 -20.46 24.95
N ILE A 99 -9.13 -20.71 26.06
CA ILE A 99 -8.33 -21.92 26.21
C ILE A 99 -7.91 -22.09 27.68
N GLN A 100 -8.29 -21.12 28.51
CA GLN A 100 -8.09 -21.27 29.94
C GLN A 100 -9.42 -21.66 30.58
N ARG A 101 -10.48 -21.58 29.78
CA ARG A 101 -11.81 -21.93 30.24
C ARG A 101 -12.48 -22.91 29.28
N GLU A 102 -11.66 -23.57 28.46
CA GLU A 102 -12.14 -24.60 27.54
C GLU A 102 -11.08 -25.70 27.40
N SER A 103 -10.05 -25.60 28.25
CA SER A 103 -8.88 -26.45 28.14
C SER A 103 -9.07 -27.88 28.60
N GLN A 104 -7.95 -28.59 28.68
CA GLN A 104 -7.87 -29.90 29.27
C GLN A 104 -6.53 -29.94 30.00
N THR A 105 -5.61 -29.09 29.55
CA THR A 105 -4.33 -28.88 30.22
C THR A 105 -4.13 -27.38 30.44
N SER A 106 -3.03 -27.02 31.10
CA SER A 106 -2.79 -25.61 31.45
C SER A 106 -2.18 -24.78 30.31
N HIS A 107 -1.29 -25.40 29.54
CA HIS A 107 -0.57 -24.79 28.42
C HIS A 107 0.37 -23.66 28.82
N ASP A 108 1.58 -23.69 28.25
CA ASP A 108 2.54 -22.58 28.35
C ASP A 108 2.48 -21.69 27.11
N PHE A 109 2.33 -20.38 27.32
CA PHE A 109 2.14 -19.43 26.22
C PHE A 109 3.35 -18.55 25.89
N HIS A 110 3.86 -18.69 24.66
CA HIS A 110 4.99 -17.89 24.20
C HIS A 110 4.50 -16.95 23.10
N ILE A 111 4.93 -15.70 23.17
CA ILE A 111 4.56 -14.67 22.19
C ILE A 111 5.78 -13.98 21.60
N PHE A 112 5.92 -14.05 20.29
CA PHE A 112 7.01 -13.35 19.61
C PHE A 112 6.55 -12.05 18.95
N TRP A 113 6.80 -10.92 19.60
CA TRP A 113 6.40 -9.62 19.07
C TRP A 113 7.36 -9.14 17.97
N VAL A 114 6.79 -8.76 16.83
CA VAL A 114 7.56 -8.23 15.71
C VAL A 114 7.35 -6.73 15.55
N PRO A 115 8.41 -5.94 15.75
CA PRO A 115 9.75 -6.42 16.08
C PRO A 115 10.06 -6.29 17.57
N ARG A 116 9.12 -5.71 18.32
CA ARG A 116 9.38 -5.42 19.72
C ARG A 116 8.12 -5.48 20.58
N ARG A 117 8.33 -5.75 21.86
CA ARG A 117 7.27 -5.65 22.85
C ARG A 117 7.00 -4.19 23.19
N THR A 118 5.76 -3.75 23.04
CA THR A 118 5.45 -2.36 23.31
C THR A 118 4.68 -2.24 24.62
N LEU A 119 4.75 -1.08 25.25
CA LEU A 119 4.04 -0.83 26.49
C LEU A 119 2.53 -1.03 26.34
N PHE A 120 1.99 -0.56 25.24
CA PHE A 120 0.58 -0.75 24.93
C PHE A 120 0.22 -2.23 24.95
N SER A 121 1.04 -3.05 24.29
CA SER A 121 0.82 -4.49 24.26
C SER A 121 0.62 -5.05 25.67
N ASP A 122 1.48 -4.60 26.59
CA ASP A 122 1.42 -5.08 27.97
C ASP A 122 0.13 -4.68 28.69
N LYS A 123 -0.30 -3.44 28.50
CA LYS A 123 -1.49 -2.93 29.19
C LYS A 123 -2.75 -3.67 28.75
N VAL A 124 -2.84 -3.99 27.46
CA VAL A 124 -3.95 -4.78 26.97
C VAL A 124 -3.88 -6.17 27.56
N LEU A 125 -2.68 -6.75 27.60
CA LEU A 125 -2.48 -8.05 28.21
C LEU A 125 -2.68 -8.02 29.74
N GLU A 126 -2.29 -6.92 30.39
CA GLU A 126 -2.43 -6.79 31.84
C GLU A 126 -3.87 -6.68 32.32
N GLU A 127 -4.66 -5.79 31.72
CA GLU A 127 -6.07 -5.65 32.08
C GLU A 127 -6.92 -6.81 31.57
N ALA A 128 -6.30 -7.98 31.51
CA ALA A 128 -6.98 -9.23 31.22
C ALA A 128 -6.34 -10.32 32.08
N GLY A 129 -5.33 -9.94 32.85
CA GLY A 129 -4.69 -10.84 33.79
C GLY A 129 -3.71 -11.84 33.18
N VAL A 130 -3.83 -12.04 31.87
CA VAL A 130 -3.07 -13.09 31.20
C VAL A 130 -1.62 -12.71 30.87
N LEU A 131 -1.20 -11.52 31.29
CA LEU A 131 0.16 -11.06 31.03
C LEU A 131 1.21 -11.92 31.76
N GLY A 132 0.89 -12.33 32.98
CA GLY A 132 1.82 -13.11 33.79
C GLY A 132 2.16 -14.51 33.32
N ASP A 133 1.25 -15.14 32.57
CA ASP A 133 1.49 -16.50 32.09
C ASP A 133 2.02 -16.52 30.66
N ALA A 134 2.89 -15.57 30.34
CA ALA A 134 3.35 -15.38 28.97
C ALA A 134 4.85 -15.16 28.88
N ASN A 135 5.55 -16.06 28.21
CA ASN A 135 6.97 -15.90 27.95
C ASN A 135 7.18 -15.11 26.66
N ILE A 136 7.34 -13.81 26.83
CA ILE A 136 7.33 -12.85 25.73
C ILE A 136 8.73 -12.51 25.22
N SER A 137 8.98 -12.84 23.97
CA SER A 137 10.25 -12.55 23.33
C SER A 137 10.06 -11.66 22.12
N GLU A 138 11.15 -11.05 21.66
CA GLU A 138 11.14 -10.12 20.54
C GLU A 138 11.80 -10.70 19.29
N LEU A 139 11.14 -10.54 18.16
CA LEU A 139 11.61 -11.04 16.87
C LEU A 139 11.95 -9.89 15.91
N PRO A 140 13.20 -9.42 15.95
CA PRO A 140 13.64 -8.23 15.20
C PRO A 140 13.62 -8.39 13.68
N LEU A 141 12.43 -8.61 13.10
CA LEU A 141 12.25 -8.61 11.66
C LEU A 141 11.93 -7.21 11.18
N TYR A 142 12.63 -6.76 10.15
CA TYR A 142 12.36 -5.44 9.60
C TYR A 142 12.17 -5.52 8.09
N PHE A 143 13.28 -5.52 7.36
CA PHE A 143 13.24 -5.74 5.92
C PHE A 143 13.06 -7.21 5.59
N PHE A 144 12.04 -7.51 4.80
CA PHE A 144 11.91 -8.83 4.17
C PHE A 144 12.50 -8.77 2.77
N PRO A 145 13.55 -9.55 2.51
CA PRO A 145 14.19 -9.51 1.20
C PRO A 145 13.39 -10.26 0.13
N LEU A 146 12.61 -9.52 -0.63
CA LEU A 146 11.73 -10.11 -1.64
C LEU A 146 12.54 -10.48 -2.89
N GLU A 147 13.57 -9.69 -3.15
CA GLU A 147 14.52 -9.97 -4.23
C GLU A 147 15.90 -9.55 -3.79
N ARG A 148 16.89 -9.77 -4.65
CA ARG A 148 18.25 -9.38 -4.32
C ARG A 148 18.38 -7.86 -4.23
N ASP A 149 17.49 -7.14 -4.91
CA ASP A 149 17.56 -5.68 -4.97
C ASP A 149 16.31 -5.01 -4.42
N VAL A 150 15.48 -5.78 -3.72
CA VAL A 150 14.23 -5.25 -3.16
C VAL A 150 14.03 -5.66 -1.70
N LEU A 151 14.09 -4.68 -0.81
CA LEU A 151 13.79 -4.92 0.60
C LEU A 151 12.50 -4.20 0.98
N SER A 152 11.61 -4.92 1.65
CA SER A 152 10.34 -4.34 2.02
C SER A 152 9.92 -4.72 3.42
N LEU A 153 9.43 -3.72 4.17
CA LEU A 153 8.95 -3.95 5.50
C LEU A 153 7.64 -4.76 5.47
N GLU A 154 7.01 -4.81 4.29
CA GLU A 154 5.76 -5.53 4.09
C GLU A 154 4.67 -5.08 5.05
N LEU A 155 4.55 -3.77 5.23
CA LEU A 155 3.49 -3.22 6.05
C LEU A 155 2.31 -2.82 5.18
N ASN A 156 1.34 -3.70 5.04
CA ASN A 156 0.24 -3.55 4.08
C ASN A 156 -0.68 -2.37 4.39
N ASP A 157 -0.91 -2.11 5.67
CA ASP A 157 -1.79 -1.01 6.06
C ASP A 157 -0.98 0.25 6.33
N SER A 158 0.28 0.26 5.88
CA SER A 158 1.17 1.38 6.18
C SER A 158 0.73 2.69 5.54
N PHE A 159 0.03 2.58 4.41
CA PHE A 159 -0.45 3.77 3.70
C PHE A 159 -1.62 4.40 4.44
N ARG A 160 -2.55 3.55 4.89
CA ARG A 160 -3.67 4.03 5.69
C ARG A 160 -3.14 4.63 6.98
N ASP A 161 -2.29 3.86 7.65
CA ASP A 161 -1.69 4.24 8.93
C ASP A 161 -1.03 5.61 8.85
N LEU A 162 -0.21 5.81 7.82
CA LEU A 162 0.58 7.02 7.71
C LEU A 162 -0.20 8.26 7.27
N TYR A 163 -0.94 8.15 6.17
CA TYR A 163 -1.53 9.33 5.53
C TYR A 163 -2.95 9.64 6.00
N LEU A 164 -3.63 8.65 6.56
CA LEU A 164 -4.97 8.87 7.12
C LEU A 164 -4.99 8.94 8.63
N ALA A 165 -4.32 7.98 9.25
CA ALA A 165 -4.35 7.84 10.69
C ALA A 165 -3.26 8.67 11.31
N LYS A 166 -2.33 9.12 10.47
CA LYS A 166 -1.24 9.97 10.88
C LYS A 166 -0.43 9.24 11.98
N ASP A 167 -0.09 7.99 11.67
CA ASP A 167 0.66 7.11 12.55
C ASP A 167 2.12 7.05 12.15
N PRO A 168 3.00 7.52 13.03
CA PRO A 168 4.43 7.56 12.73
C PRO A 168 5.11 6.19 12.81
N THR A 169 4.36 5.12 13.09
CA THR A 169 4.98 3.81 13.20
C THR A 169 5.75 3.36 11.93
N PRO A 170 5.15 3.46 10.73
CA PRO A 170 5.93 2.99 9.57
C PRO A 170 7.22 3.79 9.36
N VAL A 171 7.14 5.10 9.59
CA VAL A 171 8.30 5.96 9.49
C VAL A 171 9.35 5.57 10.52
N PHE A 172 8.88 5.26 11.73
CA PHE A 172 9.75 4.85 12.83
C PHE A 172 10.49 3.54 12.54
N LEU A 173 9.73 2.50 12.21
CA LEU A 173 10.29 1.19 11.86
C LEU A 173 11.32 1.29 10.74
N LEU A 174 10.96 1.95 9.64
CA LEU A 174 11.86 2.12 8.51
C LEU A 174 13.19 2.76 8.93
N SER A 175 13.12 3.70 9.87
CA SER A 175 14.32 4.35 10.41
C SER A 175 15.19 3.32 11.10
N ARG A 176 14.55 2.54 11.97
CA ARG A 176 15.23 1.47 12.68
C ARG A 176 15.86 0.48 11.70
N ALA A 177 15.06 0.04 10.73
CA ALA A 177 15.55 -0.86 9.69
C ALA A 177 16.82 -0.33 9.00
N LEU A 178 16.74 0.91 8.51
CA LEU A 178 17.86 1.56 7.86
C LEU A 178 19.04 1.70 8.80
N MET A 179 18.76 1.97 10.07
CA MET A 179 19.81 2.15 11.08
C MET A 179 20.56 0.84 11.27
N GLY A 180 19.83 -0.27 11.21
CA GLY A 180 20.42 -1.59 11.24
C GLY A 180 21.46 -1.78 10.15
N ILE A 181 21.13 -1.27 8.96
CA ILE A 181 22.06 -1.33 7.83
C ILE A 181 23.32 -0.55 8.15
N GLN A 182 23.16 0.61 8.79
CA GLN A 182 24.30 1.45 9.18
C GLN A 182 25.17 0.76 10.23
N LYS A 183 24.54 0.09 11.19
CA LYS A 183 25.24 -0.55 12.29
C LYS A 183 26.18 -1.66 11.79
N LYS A 184 25.83 -2.28 10.68
CA LYS A 184 26.60 -3.38 10.12
C LYS A 184 27.60 -2.93 9.03
N HIS A 185 27.21 -1.96 8.22
CA HIS A 185 28.01 -1.60 7.05
C HIS A 185 28.53 -0.16 7.07
N GLY A 186 28.19 0.57 8.13
CA GLY A 186 28.66 1.94 8.27
C GLY A 186 27.65 3.02 7.96
N LEU A 187 27.89 4.21 8.48
CA LEU A 187 27.01 5.37 8.26
C LEU A 187 26.82 5.69 6.79
N PHE A 188 25.60 6.04 6.41
CA PHE A 188 25.34 6.56 5.10
C PHE A 188 26.12 7.87 4.94
N PRO A 189 27.06 7.90 3.98
CA PRO A 189 27.84 9.10 3.67
C PRO A 189 26.94 10.30 3.41
N ARG A 190 25.86 10.06 2.67
CA ARG A 190 24.86 11.09 2.36
C ARG A 190 23.46 10.55 2.55
N ILE A 191 22.60 11.37 3.14
CA ILE A 191 21.18 11.07 3.23
C ILE A 191 20.39 12.07 2.38
N ILE A 192 20.12 11.70 1.13
CA ILE A 192 19.42 12.57 0.19
C ILE A 192 17.93 12.24 0.15
N GLY A 193 17.07 13.25 0.20
CA GLY A 193 15.64 12.95 0.22
C GLY A 193 14.67 14.05 -0.19
N LYS A 194 13.41 13.65 -0.36
CA LYS A 194 12.37 14.59 -0.78
C LYS A 194 11.02 14.20 -0.15
N GLY A 195 10.41 15.14 0.56
CA GLY A 195 9.11 14.88 1.19
C GLY A 195 9.14 14.91 2.70
N GLU A 196 7.99 15.22 3.29
CA GLU A 196 7.89 15.40 4.74
C GLU A 196 8.31 14.15 5.51
N ASN A 197 7.76 13.00 5.16
CA ASN A 197 8.11 11.77 5.86
C ASN A 197 9.49 11.24 5.49
N ALA A 198 10.03 11.68 4.35
CA ALA A 198 11.41 11.35 3.99
C ALA A 198 12.37 12.06 4.95
N LYS A 199 12.02 13.31 5.27
CA LYS A 199 12.80 14.13 6.19
C LYS A 199 12.69 13.56 7.59
N ARG A 200 11.51 13.07 7.93
CA ARG A 200 11.30 12.46 9.23
C ARG A 200 12.19 11.24 9.38
N VAL A 201 12.30 10.44 8.33
CA VAL A 201 13.20 9.29 8.34
C VAL A 201 14.64 9.76 8.56
N ALA A 202 15.06 10.79 7.84
CA ALA A 202 16.40 11.33 8.00
C ALA A 202 16.61 11.85 9.42
N ASP A 203 15.59 12.49 9.98
CA ASP A 203 15.70 13.06 11.32
C ASP A 203 15.80 11.97 12.37
N LEU A 204 15.06 10.89 12.16
CA LEU A 204 15.12 9.77 13.07
C LEU A 204 16.50 9.09 12.95
N LEU A 205 17.08 9.11 11.75
CA LEU A 205 18.41 8.53 11.54
C LEU A 205 19.53 9.29 12.25
N SER A 206 19.33 10.58 12.47
CA SER A 206 20.34 11.38 13.14
C SER A 206 20.12 11.33 14.65
N ARG A 207 18.87 11.25 15.07
CA ARG A 207 18.51 11.14 16.49
C ARG A 207 18.95 9.81 17.03
N MET A 208 18.79 8.77 16.24
CA MET A 208 19.16 7.43 16.68
C MET A 208 20.68 7.28 16.73
N ARG A 209 21.36 7.91 15.76
CA ARG A 209 22.82 7.93 15.75
C ARG A 209 23.39 8.53 17.05
N GLN A 210 22.85 9.67 17.47
CA GLN A 210 23.28 10.35 18.69
C GLN A 210 23.00 9.53 19.95
N GLU A 211 21.89 8.81 19.95
CA GLU A 211 21.52 8.01 21.11
C GLU A 211 22.48 6.84 21.29
N LEU A 212 23.14 6.43 20.21
CA LEU A 212 24.17 5.40 20.28
C LEU A 212 25.49 5.96 20.84
N LEU A 213 25.70 7.26 20.66
CA LEU A 213 26.90 7.94 21.14
C LEU A 213 26.75 8.39 22.58
N ALA A 214 25.51 8.63 23.00
CA ALA A 214 25.23 8.97 24.38
C ALA A 214 25.44 7.72 25.24
N GLY A 215 25.21 6.55 24.64
CA GLY A 215 25.41 5.30 25.34
C GLY A 215 26.89 4.95 25.49
N GLU A 216 27.63 4.97 24.40
CA GLU A 216 29.04 4.59 24.41
C GLU A 216 29.92 5.51 25.24
N GLU A 217 29.60 6.81 25.22
CA GLU A 217 30.31 7.79 26.03
C GLU A 217 30.07 7.53 27.51
N ALA A 218 28.84 7.17 27.86
CA ALA A 218 28.46 6.96 29.25
C ALA A 218 28.63 5.50 29.66
N GLY A 219 29.74 4.90 29.23
CA GLY A 219 30.14 3.56 29.64
C GLY A 219 29.21 2.39 29.37
N GLU A 220 28.24 2.54 28.48
CA GLU A 220 27.43 1.41 28.03
C GLU A 220 28.22 0.48 27.09
N SER A 221 29.42 0.91 26.73
CA SER A 221 30.42 0.11 26.00
C SER A 221 30.08 -0.03 24.52
N ASP A 222 29.56 -1.20 24.14
CA ASP A 222 29.33 -1.56 22.74
C ASP A 222 30.55 -1.35 21.84
N ARG A 223 31.73 -1.28 22.43
CA ARG A 223 33.00 -1.16 21.71
C ARG A 223 33.08 0.06 20.78
N ALA A 224 32.18 0.11 19.81
CA ALA A 224 32.18 1.13 18.78
C ALA A 224 30.82 1.12 18.07
N GLY A 225 30.41 2.23 17.45
CA GLY A 225 31.20 3.42 17.26
C GLY A 225 31.31 3.67 15.77
N LEU A 226 30.32 4.34 15.19
CA LEU A 226 30.11 4.27 13.75
C LEU A 226 30.77 5.40 12.97
N SER A 227 31.48 5.00 11.92
CA SER A 227 32.14 5.91 11.00
C SER A 227 31.48 5.75 9.64
N PRO A 228 31.58 6.79 8.79
CA PRO A 228 31.07 6.70 7.40
C PRO A 228 31.46 5.40 6.68
N SER A 229 30.49 4.82 5.98
CA SER A 229 30.69 3.54 5.30
C SER A 229 31.67 3.66 4.13
N THR A 230 32.17 2.51 3.69
CA THR A 230 33.07 2.46 2.53
C THR A 230 32.46 1.61 1.42
N THR A 231 31.30 1.00 1.68
CA THR A 231 30.65 0.14 0.71
C THR A 231 29.24 0.62 0.38
N ILE A 232 28.95 1.85 0.78
CA ILE A 232 27.66 2.48 0.51
C ILE A 232 27.90 3.91 0.06
N GLU A 233 27.35 4.27 -1.09
CA GLU A 233 27.50 5.63 -1.61
C GLU A 233 26.60 6.61 -0.88
N SER A 234 25.31 6.27 -0.80
CA SER A 234 24.33 7.15 -0.18
C SER A 234 23.01 6.44 0.01
N VAL A 235 22.08 7.12 0.66
CA VAL A 235 20.70 6.64 0.71
C VAL A 235 19.80 7.76 0.21
N ILE A 236 18.91 7.41 -0.73
CA ILE A 236 17.98 8.37 -1.29
C ILE A 236 16.57 8.00 -0.84
N ILE A 237 15.92 8.93 -0.13
CA ILE A 237 14.60 8.68 0.47
C ILE A 237 13.49 9.51 -0.16
N ILE A 238 12.53 8.82 -0.77
CA ILE A 238 11.40 9.51 -1.40
C ILE A 238 10.10 9.30 -0.65
N ASP A 239 9.42 10.39 -0.32
CA ASP A 239 8.10 10.32 0.30
C ASP A 239 7.05 10.10 -0.77
N ARG A 240 6.22 9.09 -0.57
CA ARG A 240 5.19 8.74 -1.53
C ARG A 240 4.21 9.88 -1.78
N GLU A 241 3.95 10.69 -0.76
CA GLU A 241 2.96 11.76 -0.86
C GLU A 241 3.47 12.91 -1.74
N VAL A 242 4.67 12.75 -2.28
CA VAL A 242 5.26 13.72 -3.21
C VAL A 242 4.75 13.47 -4.63
N ASP A 243 4.42 12.20 -4.91
CA ASP A 243 3.98 11.82 -6.25
C ASP A 243 2.87 10.77 -6.13
N PHE A 244 1.64 11.21 -5.83
CA PHE A 244 0.51 10.27 -5.74
C PHE A 244 0.06 9.79 -7.13
N VAL A 245 0.38 10.55 -8.16
CA VAL A 245 -0.12 10.28 -9.51
C VAL A 245 0.37 8.93 -10.03
N THR A 246 1.65 8.65 -9.90
CA THR A 246 2.20 7.43 -10.47
C THR A 246 1.49 6.15 -10.01
N PRO A 247 1.26 5.98 -8.68
CA PRO A 247 0.52 4.77 -8.30
C PRO A 247 -0.96 4.78 -8.70
N LEU A 248 -1.53 5.97 -8.91
CA LEU A 248 -2.94 6.09 -9.28
C LEU A 248 -3.17 5.58 -10.71
N LEU A 249 -2.21 5.88 -11.59
CA LEU A 249 -2.28 5.41 -12.97
C LEU A 249 -2.33 3.89 -12.99
N THR A 250 -3.08 3.35 -13.94
CA THR A 250 -3.10 1.94 -14.19
C THR A 250 -1.75 1.49 -14.74
N GLN A 251 -1.06 0.62 -14.01
CA GLN A 251 0.28 0.18 -14.40
C GLN A 251 0.24 -0.69 -15.65
N LEU A 252 1.22 -0.51 -16.52
CA LEU A 252 1.18 -1.14 -17.82
C LEU A 252 2.35 -2.10 -18.07
N THR A 253 3.11 -2.41 -17.04
CA THR A 253 4.11 -3.49 -17.15
C THR A 253 3.40 -4.81 -16.83
N TYR A 254 4.03 -5.93 -17.15
CA TYR A 254 3.41 -7.24 -16.93
C TYR A 254 3.10 -7.50 -15.46
N GLU A 255 4.10 -7.30 -14.60
CA GLU A 255 3.92 -7.50 -13.16
C GLU A 255 2.94 -6.47 -12.61
N GLY A 256 3.03 -5.25 -13.13
CA GLY A 256 2.11 -4.19 -12.76
C GLY A 256 0.68 -4.60 -13.00
N LEU A 257 0.39 -5.03 -14.23
CA LEU A 257 -0.97 -5.43 -14.58
C LEU A 257 -1.43 -6.65 -13.79
N ILE A 258 -0.50 -7.54 -13.44
CA ILE A 258 -0.85 -8.66 -12.59
C ILE A 258 -1.29 -8.11 -11.22
N ASP A 259 -0.49 -7.21 -10.67
CA ASP A 259 -0.86 -6.57 -9.41
C ASP A 259 -2.14 -5.74 -9.54
N GLU A 260 -2.32 -5.11 -10.70
CA GLU A 260 -3.48 -4.25 -10.93
C GLU A 260 -4.77 -5.02 -10.99
N TYR A 261 -4.69 -6.29 -11.39
CA TYR A 261 -5.88 -7.07 -11.70
C TYR A 261 -6.03 -8.26 -10.74
N PHE A 262 -4.93 -8.92 -10.42
CA PHE A 262 -4.95 -10.07 -9.51
C PHE A 262 -4.52 -9.70 -8.09
N GLY A 263 -3.65 -8.70 -7.95
CA GLY A 263 -3.13 -8.31 -6.66
C GLY A 263 -2.04 -9.23 -6.17
N ILE A 264 -0.81 -8.71 -6.12
CA ILE A 264 0.36 -9.45 -5.68
C ILE A 264 0.72 -9.15 -4.23
N GLN A 265 0.76 -10.20 -3.42
CA GLN A 265 1.18 -10.12 -2.03
C GLN A 265 2.31 -11.11 -1.74
N ASN A 266 3.40 -10.60 -1.16
CA ASN A 266 4.52 -11.43 -0.71
C ASN A 266 5.05 -12.31 -1.83
N ASN A 267 5.27 -11.71 -2.99
CA ASN A 267 5.72 -12.40 -4.20
C ASN A 267 4.77 -13.52 -4.63
N GLN A 268 3.50 -13.42 -4.26
CA GLN A 268 2.51 -14.44 -4.61
C GLN A 268 1.19 -13.82 -5.07
N THR A 269 0.29 -14.67 -5.56
CA THR A 269 -1.03 -14.23 -6.02
C THR A 269 -1.93 -15.45 -6.26
N ASP A 270 -3.23 -15.23 -6.50
CA ASP A 270 -4.14 -16.35 -6.72
C ASP A 270 -4.74 -16.36 -8.14
N VAL A 271 -4.73 -17.52 -8.81
CA VAL A 271 -5.40 -17.65 -10.11
C VAL A 271 -6.22 -18.93 -10.26
N ASP A 272 -7.11 -18.95 -11.25
CA ASP A 272 -8.08 -20.03 -11.42
C ASP A 272 -7.73 -21.02 -12.55
N ALA A 273 -7.12 -20.50 -13.61
CA ALA A 273 -6.81 -21.29 -14.81
C ALA A 273 -5.39 -21.82 -14.90
N VAL A 274 -5.22 -23.08 -14.50
CA VAL A 274 -3.93 -23.78 -14.33
C VAL A 274 -2.67 -22.94 -14.56
N ARG A 298 -12.19 -23.25 -5.34
CA ARG A 298 -11.30 -22.12 -5.09
C ARG A 298 -10.14 -22.09 -6.09
N LYS A 299 -9.12 -21.31 -5.75
CA LYS A 299 -8.05 -20.96 -6.69
C LYS A 299 -6.70 -21.46 -6.17
N ARG A 300 -5.65 -21.20 -6.94
CA ARG A 300 -4.32 -21.77 -6.66
C ARG A 300 -3.34 -20.63 -6.48
N LYS A 301 -2.24 -20.90 -5.79
CA LYS A 301 -1.29 -19.83 -5.47
C LYS A 301 -0.09 -19.90 -6.41
N ILE A 302 0.13 -18.83 -7.15
CA ILE A 302 1.24 -18.75 -8.09
C ILE A 302 2.41 -18.03 -7.43
N GLN A 303 3.61 -18.59 -7.61
CA GLN A 303 4.82 -17.92 -7.15
C GLN A 303 5.30 -16.97 -8.23
N LEU A 304 5.60 -15.73 -7.83
CA LEU A 304 6.05 -14.71 -8.78
C LEU A 304 7.30 -14.05 -8.24
N ASP A 305 8.46 -14.62 -8.55
CA ASP A 305 9.73 -14.04 -8.15
C ASP A 305 10.82 -14.34 -9.18
N GLY A 306 12.01 -13.79 -8.93
CA GLY A 306 13.10 -13.84 -9.91
C GLY A 306 13.70 -15.21 -10.10
N SER A 307 13.18 -16.20 -9.40
CA SER A 307 13.65 -17.58 -9.55
C SER A 307 13.25 -18.13 -10.91
N ASP A 308 11.96 -18.05 -11.22
CA ASP A 308 11.45 -18.44 -12.53
C ASP A 308 12.14 -17.62 -13.62
N SER A 309 13.00 -18.28 -14.39
CA SER A 309 13.82 -17.61 -15.39
C SER A 309 12.99 -16.86 -16.41
N LEU A 310 11.79 -17.36 -16.69
CA LEU A 310 10.90 -16.71 -17.64
C LEU A 310 10.32 -15.42 -17.06
N TYR A 311 9.79 -15.51 -15.86
CA TYR A 311 9.16 -14.36 -15.22
C TYR A 311 10.12 -13.20 -15.00
N SER A 312 11.38 -13.52 -14.75
CA SER A 312 12.42 -12.51 -14.60
C SER A 312 12.43 -11.55 -15.79
N GLN A 313 12.41 -12.12 -16.98
CA GLN A 313 12.43 -11.33 -18.22
C GLN A 313 11.09 -10.69 -18.54
N LEU A 314 10.01 -11.33 -18.10
CA LEU A 314 8.66 -10.86 -18.41
C LEU A 314 8.18 -9.73 -17.51
N ARG A 315 8.57 -9.79 -16.24
CA ARG A 315 7.98 -8.97 -15.20
C ARG A 315 8.18 -7.48 -15.43
N ASP A 316 9.36 -7.09 -15.89
CA ASP A 316 9.70 -5.68 -16.03
C ASP A 316 9.36 -5.14 -17.41
N ALA A 317 8.77 -5.97 -18.26
CA ALA A 317 8.52 -5.54 -19.64
C ALA A 317 7.15 -4.89 -19.77
N ASN A 318 7.03 -3.97 -20.72
CA ASN A 318 5.75 -3.37 -21.05
C ASN A 318 4.84 -4.48 -21.55
N PHE A 319 3.57 -4.45 -21.18
CA PHE A 319 2.68 -5.57 -21.47
C PHE A 319 2.44 -5.79 -22.96
N ALA A 320 2.58 -4.73 -23.76
CA ALA A 320 2.45 -4.82 -25.21
C ALA A 320 3.33 -5.92 -25.78
N ILE A 321 4.62 -5.88 -25.45
CA ILE A 321 5.57 -6.82 -26.02
C ILE A 321 5.63 -8.15 -25.29
N VAL A 322 4.70 -8.40 -24.37
CA VAL A 322 4.72 -9.66 -23.63
C VAL A 322 4.37 -10.83 -24.55
N GLY A 323 3.38 -10.63 -25.42
CA GLY A 323 3.06 -11.61 -26.45
C GLY A 323 4.28 -11.96 -27.28
N SER A 324 4.86 -10.95 -27.92
CA SER A 324 6.10 -11.10 -28.68
C SER A 324 7.22 -11.81 -27.93
N LEU A 325 7.29 -11.60 -26.62
CA LEU A 325 8.32 -12.20 -25.78
C LEU A 325 7.96 -13.62 -25.38
N LEU A 326 6.66 -13.85 -25.22
CA LEU A 326 6.15 -15.13 -24.76
C LEU A 326 6.28 -16.11 -25.92
N ASN A 327 5.86 -15.65 -27.10
CA ASN A 327 5.97 -16.44 -28.31
C ASN A 327 7.43 -16.79 -28.63
N THR A 328 8.29 -15.79 -28.67
CA THR A 328 9.71 -16.01 -28.96
C THR A 328 10.32 -17.10 -28.08
N VAL A 329 9.82 -17.23 -26.86
CA VAL A 329 10.31 -18.27 -25.94
C VAL A 329 9.65 -19.61 -26.22
N ALA A 330 8.37 -19.60 -26.57
CA ALA A 330 7.70 -20.81 -27.02
C ALA A 330 8.23 -21.29 -28.37
N ARG A 331 8.57 -20.33 -29.22
CA ARG A 331 9.12 -20.62 -30.55
C ARG A 331 10.54 -21.18 -30.43
N ARG A 332 11.21 -20.86 -29.33
CA ARG A 332 12.59 -21.29 -29.10
C ARG A 332 12.62 -22.58 -28.29
N LEU A 333 11.59 -22.78 -27.47
CA LEU A 333 11.51 -23.96 -26.62
C LEU A 333 11.21 -25.18 -27.49
N LYS A 334 10.31 -24.99 -28.46
CA LYS A 334 9.87 -26.06 -29.35
C LYS A 334 11.00 -26.53 -30.25
N SER A 335 11.86 -25.60 -30.63
CA SER A 335 13.01 -25.93 -31.48
C SER A 335 14.23 -26.20 -30.60
N ASP A 336 13.96 -26.53 -29.34
CA ASP A 336 14.99 -26.96 -28.41
C ASP A 336 14.63 -28.35 -27.88
N TYR A 337 13.35 -28.71 -28.05
CA TYR A 337 12.87 -30.06 -27.77
C TYR A 337 13.14 -30.97 -28.95
N GLU A 338 12.88 -30.43 -30.14
CA GLU A 338 13.11 -31.15 -31.39
C GLU A 338 14.60 -31.45 -31.51
N SER A 339 15.41 -30.42 -31.32
CA SER A 339 16.86 -30.47 -31.42
C SER A 339 17.50 -31.62 -30.63
N ARG A 340 18.68 -32.05 -31.09
CA ARG A 340 19.60 -32.92 -30.37
C ARG A 340 19.20 -34.40 -30.44
N HIS A 341 18.30 -34.72 -31.36
CA HIS A 341 18.10 -36.09 -31.81
C HIS A 341 19.20 -36.51 -32.78
N ASN A 342 20.19 -35.64 -32.96
CA ASN A 342 21.29 -35.88 -33.89
C ASN A 342 22.06 -37.17 -33.65
N THR A 343 23.17 -37.08 -32.92
CA THR A 343 23.99 -38.27 -32.66
C THR A 343 23.18 -39.35 -31.95
N LYS A 344 22.44 -40.14 -32.74
CA LYS A 344 21.45 -41.08 -32.20
C LYS A 344 22.06 -42.32 -31.55
N THR A 345 23.21 -42.17 -30.90
CA THR A 345 23.83 -43.26 -30.17
C THR A 345 23.94 -42.92 -28.69
N THR A 346 23.20 -43.66 -27.87
CA THR A 346 23.18 -43.56 -26.41
C THR A 346 23.52 -42.19 -25.84
N ALA A 347 24.79 -41.81 -25.95
CA ALA A 347 25.35 -40.60 -25.31
C ALA A 347 24.54 -39.33 -25.53
N GLU A 348 24.38 -38.93 -26.79
CA GLU A 348 23.68 -37.69 -27.13
C GLU A 348 22.18 -37.75 -26.83
N LEU A 349 21.71 -38.92 -26.45
CA LEU A 349 20.36 -39.07 -25.90
C LEU A 349 20.42 -39.20 -24.38
N LYS A 350 21.36 -40.01 -23.90
CA LYS A 350 21.69 -40.10 -22.47
C LYS A 350 21.94 -38.75 -21.81
N GLU A 351 22.53 -37.82 -22.57
CA GLU A 351 22.77 -36.45 -22.11
C GLU A 351 21.53 -35.57 -22.19
N PHE A 352 20.65 -35.89 -23.13
CA PHE A 352 19.39 -35.17 -23.31
C PHE A 352 18.34 -35.44 -22.23
N VAL A 353 18.18 -36.69 -21.81
CA VAL A 353 17.24 -37.01 -20.73
C VAL A 353 17.68 -36.46 -19.37
N LYS A 354 18.96 -36.15 -19.23
CA LYS A 354 19.48 -35.49 -18.04
C LYS A 354 18.90 -34.08 -17.91
N LYS A 355 19.06 -33.29 -18.97
CA LYS A 355 18.57 -31.91 -19.06
C LYS A 355 17.05 -31.82 -19.29
N LEU A 356 16.33 -32.88 -18.94
CA LEU A 356 14.90 -33.03 -19.26
C LEU A 356 13.95 -32.41 -18.22
N PRO A 357 14.23 -32.54 -16.91
CA PRO A 357 13.34 -31.85 -15.96
C PRO A 357 13.40 -30.33 -16.09
N GLY A 358 14.49 -29.80 -16.65
CA GLY A 358 14.60 -28.36 -16.82
C GLY A 358 13.72 -27.88 -17.96
N TYR A 359 13.32 -28.79 -18.86
CA TYR A 359 12.36 -28.47 -19.91
C TYR A 359 10.93 -28.40 -19.41
N GLN A 360 10.52 -29.40 -18.62
CA GLN A 360 9.15 -29.48 -18.12
C GLN A 360 8.79 -28.24 -17.29
N ALA A 361 9.70 -27.80 -16.43
CA ALA A 361 9.50 -26.60 -15.64
C ALA A 361 9.24 -25.40 -16.56
N GLU A 362 10.12 -25.19 -17.53
CA GLU A 362 9.94 -24.11 -18.50
C GLU A 362 8.62 -24.26 -19.26
N GLN A 363 8.22 -25.51 -19.50
CA GLN A 363 6.97 -25.78 -20.20
C GLN A 363 5.75 -25.44 -19.35
N GLN A 364 5.84 -25.68 -18.03
CA GLN A 364 4.70 -25.42 -17.16
C GLN A 364 4.64 -23.94 -16.77
N SER A 365 5.81 -23.31 -16.72
CA SER A 365 5.89 -21.87 -16.49
C SER A 365 5.26 -21.09 -17.63
N LEU A 366 5.59 -21.48 -18.86
CA LEU A 366 5.09 -20.79 -20.05
C LEU A 366 3.57 -20.89 -20.18
N LYS A 367 2.99 -21.99 -19.72
CA LYS A 367 1.54 -22.15 -19.80
C LYS A 367 0.84 -21.30 -18.76
N ILE A 368 1.47 -21.14 -17.61
CA ILE A 368 0.92 -20.29 -16.56
C ILE A 368 0.96 -18.83 -17.01
N HIS A 369 2.13 -18.36 -17.39
CA HIS A 369 2.30 -16.97 -17.80
C HIS A 369 1.66 -16.67 -19.17
N SER A 370 1.11 -17.69 -19.83
CA SER A 370 0.30 -17.49 -21.02
C SER A 370 -1.12 -17.25 -20.57
N ASN A 371 -1.72 -18.28 -19.96
CA ASN A 371 -3.08 -18.17 -19.39
C ASN A 371 -3.27 -16.83 -18.68
N ILE A 372 -2.33 -16.48 -17.82
CA ILE A 372 -2.37 -15.21 -17.11
C ILE A 372 -2.38 -14.04 -18.09
N ALA A 373 -1.40 -14.03 -18.99
CA ALA A 373 -1.31 -12.99 -20.02
C ALA A 373 -2.59 -12.91 -20.83
N GLU A 374 -3.11 -14.08 -21.24
CA GLU A 374 -4.33 -14.16 -22.04
C GLU A 374 -5.52 -13.57 -21.30
N GLU A 375 -5.56 -13.78 -19.99
CA GLU A 375 -6.62 -13.24 -19.16
C GLU A 375 -6.50 -11.73 -18.96
N ILE A 376 -5.26 -11.23 -18.85
CA ILE A 376 -5.03 -9.80 -18.70
C ILE A 376 -5.42 -9.08 -20.00
N ILE A 377 -5.16 -9.76 -21.11
CA ILE A 377 -5.54 -9.26 -22.43
C ILE A 377 -7.04 -9.04 -22.64
N ASN A 378 -7.87 -10.04 -22.30
CA ASN A 378 -9.31 -9.87 -22.46
C ASN A 378 -9.82 -8.70 -21.60
N TYR A 379 -9.12 -8.44 -20.50
CA TYR A 379 -9.48 -7.33 -19.61
C TYR A 379 -9.12 -5.98 -20.21
N THR A 380 -7.99 -5.91 -20.90
CA THR A 380 -7.53 -4.64 -21.47
C THR A 380 -8.26 -4.28 -22.76
N ARG A 381 -9.02 -5.22 -23.30
CA ARG A 381 -9.78 -5.01 -24.53
C ARG A 381 -11.20 -4.52 -24.30
N THR A 382 -11.66 -4.55 -23.06
CA THR A 382 -13.01 -4.13 -22.72
C THR A 382 -13.13 -2.62 -23.00
N GLU A 383 -14.33 -2.16 -23.32
CA GLU A 383 -14.54 -0.74 -23.60
C GLU A 383 -14.24 0.14 -22.40
N ILE A 384 -14.54 -0.37 -21.21
CA ILE A 384 -14.32 0.35 -19.96
C ILE A 384 -12.84 0.63 -19.71
N PHE A 385 -12.02 -0.41 -19.88
CA PHE A 385 -10.59 -0.29 -19.66
C PHE A 385 -10.01 0.77 -20.59
N ASN A 386 -10.33 0.66 -21.87
CA ASN A 386 -9.82 1.60 -22.83
C ASN A 386 -10.35 2.99 -22.54
N LYS A 387 -11.55 3.07 -21.98
CA LYS A 387 -12.08 4.37 -21.62
C LYS A 387 -11.30 4.91 -20.43
N LEU A 388 -10.94 4.04 -19.50
CA LEU A 388 -10.11 4.43 -18.36
C LEU A 388 -8.73 4.90 -18.75
N LEU A 389 -8.07 4.13 -19.61
CA LEU A 389 -6.73 4.48 -20.06
C LEU A 389 -6.77 5.79 -20.82
N GLU A 390 -7.82 5.96 -21.62
CA GLU A 390 -7.99 7.18 -22.38
C GLU A 390 -8.03 8.42 -21.46
N VAL A 391 -8.80 8.33 -20.39
CA VAL A 391 -8.89 9.43 -19.43
C VAL A 391 -7.57 9.62 -18.65
N GLN A 392 -6.94 8.52 -18.27
CA GLN A 392 -5.66 8.59 -17.54
C GLN A 392 -4.60 9.25 -18.40
N GLN A 393 -4.50 8.80 -19.64
CA GLN A 393 -3.52 9.33 -20.58
C GLN A 393 -3.76 10.80 -20.90
N ASN A 394 -5.02 11.16 -21.16
CA ASN A 394 -5.36 12.55 -21.45
C ASN A 394 -4.98 13.47 -20.31
N LEU A 395 -5.31 13.07 -19.08
CA LEU A 395 -4.99 13.88 -17.91
C LEU A 395 -3.49 14.03 -17.68
N ALA A 396 -2.76 12.94 -17.87
CA ALA A 396 -1.30 12.92 -17.65
C ALA A 396 -0.56 13.71 -18.72
N ALA A 397 -1.11 13.70 -19.92
CA ALA A 397 -0.53 14.39 -21.06
C ALA A 397 -0.63 15.90 -20.89
N GLY A 398 -1.67 16.36 -20.18
CA GLY A 398 -1.83 17.77 -19.94
C GLY A 398 -3.09 18.34 -20.54
N ALA A 399 -3.98 17.46 -21.00
CA ALA A 399 -5.24 17.93 -21.57
C ALA A 399 -6.12 18.62 -20.54
N ASP A 400 -7.02 19.46 -21.02
CA ASP A 400 -7.95 20.15 -20.12
C ASP A 400 -8.80 19.09 -19.47
N PRO A 401 -8.74 19.01 -18.15
CA PRO A 401 -9.44 17.99 -17.37
C PRO A 401 -10.95 18.04 -17.58
N SER A 402 -11.48 19.21 -17.91
CA SER A 402 -12.92 19.37 -18.12
C SER A 402 -13.35 18.54 -19.32
N SER A 403 -12.42 18.31 -20.24
CA SER A 403 -12.71 17.55 -21.45
C SER A 403 -12.91 16.07 -21.11
N GLN A 404 -12.48 15.66 -19.92
CA GLN A 404 -12.60 14.28 -19.51
C GLN A 404 -13.82 14.06 -18.64
N PHE A 405 -14.62 15.11 -18.45
CA PHE A 405 -15.77 15.02 -17.59
C PHE A 405 -16.84 14.03 -18.05
N ASP A 406 -17.25 14.16 -19.30
CA ASP A 406 -18.30 13.32 -19.85
C ASP A 406 -17.89 11.86 -19.82
N SER A 407 -16.60 11.65 -20.02
CA SER A 407 -16.03 10.31 -20.02
C SER A 407 -16.10 9.70 -18.63
N ILE A 408 -15.77 10.50 -17.60
CA ILE A 408 -15.86 10.01 -16.22
C ILE A 408 -17.30 9.71 -15.86
N GLU A 409 -18.21 10.60 -16.25
CA GLU A 409 -19.64 10.42 -15.98
C GLU A 409 -20.21 9.18 -16.64
N GLU A 410 -19.76 8.88 -17.85
CA GLU A 410 -20.20 7.69 -18.55
C GLU A 410 -19.71 6.45 -17.78
N LEU A 411 -18.46 6.50 -17.32
CA LEU A 411 -17.87 5.40 -16.56
C LEU A 411 -18.64 5.11 -15.27
N VAL A 412 -19.07 6.15 -14.56
CA VAL A 412 -19.90 5.97 -13.37
C VAL A 412 -21.25 5.36 -13.73
N ALA A 413 -21.81 5.83 -14.84
CA ALA A 413 -23.10 5.36 -15.32
C ALA A 413 -23.07 3.89 -15.73
N ARG A 414 -21.93 3.45 -16.24
CA ARG A 414 -21.75 2.06 -16.63
C ARG A 414 -21.35 1.17 -15.44
N ASP A 415 -21.38 1.75 -14.24
CA ASP A 415 -21.10 1.04 -12.99
C ASP A 415 -19.73 0.39 -12.98
N THR A 416 -18.69 1.14 -13.35
CA THR A 416 -17.34 0.62 -13.24
C THR A 416 -16.96 0.61 -11.75
N PRO A 417 -16.09 -0.33 -11.34
CA PRO A 417 -15.68 -0.44 -9.95
C PRO A 417 -15.26 0.88 -9.34
N LEU A 418 -15.77 1.15 -8.14
CA LEU A 418 -15.53 2.38 -7.41
C LEU A 418 -14.04 2.78 -7.33
N PRO A 419 -13.13 1.83 -7.03
CA PRO A 419 -11.72 2.23 -6.98
C PRO A 419 -11.18 2.87 -8.27
N GLN A 420 -11.55 2.31 -9.41
CA GLN A 420 -11.11 2.85 -10.69
C GLN A 420 -11.62 4.26 -10.93
N VAL A 421 -12.85 4.54 -10.51
CA VAL A 421 -13.43 5.87 -10.67
C VAL A 421 -12.77 6.85 -9.71
N LEU A 422 -12.58 6.42 -8.47
CA LEU A 422 -11.95 7.27 -7.47
C LEU A 422 -10.50 7.56 -7.88
N ARG A 423 -9.82 6.58 -8.47
CA ARG A 423 -8.45 6.80 -8.92
C ARG A 423 -8.44 7.89 -9.99
N LEU A 424 -9.45 7.91 -10.84
CA LEU A 424 -9.53 8.96 -11.85
C LEU A 424 -9.77 10.32 -11.25
N LEU A 425 -10.68 10.38 -10.29
CA LEU A 425 -11.00 11.65 -9.64
C LEU A 425 -9.81 12.18 -8.89
N CYS A 426 -9.05 11.28 -8.27
CA CYS A 426 -7.89 11.76 -7.54
C CYS A 426 -6.79 12.17 -8.50
N LEU A 427 -6.66 11.43 -9.59
CA LEU A 427 -5.72 11.75 -10.65
C LEU A 427 -6.09 13.11 -11.25
N TYR A 428 -7.39 13.28 -11.47
CA TYR A 428 -7.98 14.53 -11.93
C TYR A 428 -7.59 15.66 -10.98
N SER A 429 -7.91 15.48 -9.70
CA SER A 429 -7.67 16.52 -8.69
C SER A 429 -6.18 16.85 -8.51
N CYS A 430 -5.33 15.82 -8.43
CA CYS A 430 -3.90 15.99 -8.15
C CYS A 430 -3.10 16.60 -9.28
N ILE A 431 -3.65 16.56 -10.48
CA ILE A 431 -2.94 17.00 -11.67
C ILE A 431 -3.41 18.38 -12.13
N SER A 432 -4.52 18.85 -11.56
CA SER A 432 -5.08 20.13 -11.94
C SER A 432 -5.06 21.16 -10.81
N GLY A 433 -4.36 20.84 -9.73
CA GLY A 433 -4.29 21.73 -8.59
C GLY A 433 -5.68 21.95 -8.00
N GLY A 434 -6.38 20.85 -7.74
CA GLY A 434 -7.71 20.94 -7.18
C GLY A 434 -8.78 20.90 -8.25
N ILE A 435 -10.04 20.78 -7.82
CA ILE A 435 -11.15 20.70 -8.76
C ILE A 435 -12.04 21.94 -8.66
N LYS A 436 -12.46 22.44 -9.82
CA LYS A 436 -13.36 23.58 -9.96
C LYS A 436 -14.67 23.34 -9.20
N THR A 437 -15.17 24.38 -8.55
CA THR A 437 -16.32 24.24 -7.66
C THR A 437 -17.55 23.64 -8.33
N LYS A 438 -17.84 24.09 -9.55
CA LYS A 438 -18.99 23.58 -10.29
C LYS A 438 -18.84 22.11 -10.65
N GLU A 439 -17.65 21.72 -11.07
CA GLU A 439 -17.40 20.34 -11.47
C GLU A 439 -17.29 19.43 -10.26
N LEU A 440 -16.86 20.00 -9.13
CA LEU A 440 -16.68 19.23 -7.90
C LEU A 440 -18.01 18.66 -7.47
N ASP A 441 -19.02 19.53 -7.40
CA ASP A 441 -20.34 19.12 -6.93
C ASP A 441 -20.98 18.08 -7.82
N HIS A 442 -20.67 18.12 -9.11
CA HIS A 442 -21.19 17.11 -10.00
C HIS A 442 -20.52 15.76 -9.72
N PHE A 443 -19.22 15.79 -9.42
CA PHE A 443 -18.49 14.59 -9.11
C PHE A 443 -18.99 13.95 -7.80
N ARG A 444 -19.24 14.77 -6.79
CA ARG A 444 -19.71 14.20 -5.54
C ARG A 444 -21.09 13.58 -5.75
N ARG A 445 -21.90 14.16 -6.62
CA ARG A 445 -23.23 13.63 -6.88
C ARG A 445 -23.14 12.29 -7.60
N LEU A 446 -22.24 12.19 -8.57
CA LEU A 446 -22.04 10.94 -9.29
C LEU A 446 -21.61 9.77 -8.41
N VAL A 447 -20.67 10.01 -7.50
CA VAL A 447 -20.16 8.97 -6.61
C VAL A 447 -21.24 8.52 -5.64
N LEU A 448 -21.89 9.50 -5.01
CA LEU A 448 -22.93 9.22 -4.04
C LEU A 448 -24.09 8.48 -4.68
N GLN A 449 -24.66 9.04 -5.73
CA GLN A 449 -25.85 8.45 -6.33
C GLN A 449 -25.56 7.24 -7.19
N GLY A 450 -24.29 6.94 -7.36
CA GLY A 450 -23.88 5.77 -8.13
C GLY A 450 -23.44 4.57 -7.32
N TYR A 451 -22.97 4.83 -6.11
CA TYR A 451 -22.43 3.75 -5.31
C TYR A 451 -22.92 3.69 -3.86
N GLY A 452 -23.52 4.77 -3.37
CA GLY A 452 -24.03 4.79 -2.02
C GLY A 452 -23.64 6.06 -1.29
N HIS A 453 -24.57 6.58 -0.53
CA HIS A 453 -24.38 7.78 0.30
C HIS A 453 -23.43 7.48 1.46
N GLN A 454 -23.15 6.19 1.65
CA GLN A 454 -22.16 5.78 2.63
C GLN A 454 -20.82 6.42 2.28
N HIS A 455 -20.61 6.66 1.00
CA HIS A 455 -19.37 7.25 0.51
C HIS A 455 -19.24 8.75 0.74
N LEU A 456 -20.12 9.30 1.57
CA LEU A 456 -19.93 10.67 2.02
C LEU A 456 -18.67 10.65 2.89
N LEU A 457 -18.42 9.48 3.47
CA LEU A 457 -17.22 9.22 4.25
C LEU A 457 -16.02 8.95 3.36
N THR A 458 -16.25 8.26 2.24
CA THR A 458 -15.16 7.93 1.33
C THR A 458 -14.56 9.21 0.77
N LEU A 459 -15.43 10.14 0.38
CA LEU A 459 -14.98 11.41 -0.15
C LEU A 459 -14.29 12.24 0.93
N HIS A 460 -14.78 12.12 2.17
CA HIS A 460 -14.17 12.83 3.28
C HIS A 460 -12.76 12.32 3.55
N ASN A 461 -12.56 11.01 3.42
CA ASN A 461 -11.23 10.44 3.58
C ASN A 461 -10.27 10.87 2.49
N LEU A 462 -10.78 10.93 1.26
CA LEU A 462 -9.99 11.38 0.14
C LEU A 462 -9.60 12.85 0.32
N GLU A 463 -10.45 13.59 1.01
CA GLU A 463 -10.18 14.99 1.32
C GLU A 463 -9.03 15.13 2.34
N ARG A 464 -9.02 14.28 3.37
CA ARG A 464 -7.92 14.29 4.35
C ARG A 464 -6.59 13.86 3.72
N LEU A 465 -6.65 12.93 2.78
CA LEU A 465 -5.47 12.48 2.03
C LEU A 465 -5.03 13.54 1.03
N GLN A 466 -5.86 14.56 0.89
CA GLN A 466 -5.62 15.66 -0.06
C GLN A 466 -5.45 15.19 -1.51
N MET A 467 -6.30 14.26 -1.94
CA MET A 467 -6.26 13.75 -3.31
C MET A 467 -7.55 14.04 -4.06
N PHE A 468 -8.53 14.60 -3.39
CA PHE A 468 -9.78 14.97 -4.03
C PHE A 468 -10.28 16.25 -3.36
N LEU A 469 -9.81 17.39 -3.86
CA LEU A 469 -10.07 18.66 -3.19
C LEU A 469 -10.68 19.70 -4.11
N SER A 470 -11.29 20.72 -3.51
CA SER A 470 -11.78 21.84 -4.29
C SER A 470 -10.62 22.76 -4.64
N LYS A 471 -10.72 23.46 -5.77
CA LYS A 471 -9.71 24.40 -6.20
C LYS A 471 -9.63 25.59 -5.25
N SER A 472 -10.73 25.84 -4.56
CA SER A 472 -10.82 26.96 -3.62
C SER A 472 -10.13 26.64 -2.30
N SER A 473 -9.66 25.40 -2.15
CA SER A 473 -8.92 24.99 -0.96
C SER A 473 -7.43 25.39 -1.07
N PRO A 474 -6.85 25.92 0.03
CA PRO A 474 -5.45 26.34 0.03
C PRO A 474 -4.50 25.16 -0.06
N LEU A 475 -5.01 23.98 0.28
CA LEU A 475 -4.26 22.73 0.25
C LEU A 475 -4.16 22.17 -1.16
N ALA A 476 -4.99 22.69 -2.06
CA ALA A 476 -5.06 22.15 -3.41
C ALA A 476 -4.06 22.82 -4.31
N SER A 477 -3.58 24.00 -3.89
CA SER A 477 -2.66 24.80 -4.67
C SER A 477 -1.37 24.05 -4.95
N MET A 478 -0.85 24.22 -6.16
CA MET A 478 0.47 23.71 -6.50
C MET A 478 1.51 24.78 -6.21
N ILE A 479 2.79 24.42 -6.32
CA ILE A 479 3.87 25.35 -6.00
C ILE A 479 4.19 26.22 -7.20
N THR A 480 4.05 27.53 -7.05
CA THR A 480 4.43 28.47 -8.10
C THR A 480 5.32 29.58 -7.57
N MET A 481 6.23 30.04 -8.42
CA MET A 481 7.08 31.17 -8.11
C MET A 481 6.47 32.46 -8.66
N SER A 482 5.14 32.52 -8.65
CA SER A 482 4.41 33.67 -9.18
C SER A 482 3.36 34.14 -8.18
N GLY A 483 2.58 33.19 -7.68
CA GLY A 483 1.53 33.50 -6.72
C GLY A 483 2.06 33.78 -5.33
N SER A 484 3.05 34.66 -5.25
CA SER A 484 3.67 35.06 -3.98
C SER A 484 4.14 33.85 -3.19
N SER A 485 4.10 33.99 -1.87
CA SER A 485 4.38 32.87 -0.98
C SER A 485 3.08 32.16 -0.63
N GLY A 486 2.79 32.05 0.66
CA GLY A 486 1.57 31.42 1.11
C GLY A 486 1.58 29.92 0.93
N GLY A 487 0.82 29.21 1.76
CA GLY A 487 0.78 27.76 1.68
C GLY A 487 2.07 27.13 2.16
N PRO A 488 2.02 26.48 3.34
CA PRO A 488 3.17 25.80 3.94
C PRO A 488 3.41 24.43 3.31
N ASP A 489 2.34 23.80 2.85
CA ASP A 489 2.36 22.44 2.34
C ASP A 489 1.74 22.44 0.96
N GLN A 490 2.14 23.41 0.15
CA GLN A 490 1.64 23.48 -1.22
C GLN A 490 2.14 22.31 -2.06
N LYS A 491 1.26 21.85 -2.93
CA LYS A 491 1.40 20.59 -3.65
C LYS A 491 2.33 20.60 -4.86
N THR A 492 2.72 19.39 -5.27
CA THR A 492 3.55 19.17 -6.44
C THR A 492 2.96 19.77 -7.70
N ASN A 493 3.74 20.57 -8.42
CA ASN A 493 3.27 21.19 -9.64
C ASN A 493 3.57 20.30 -10.82
N TYR A 494 2.63 19.41 -11.12
CA TYR A 494 2.81 18.50 -12.23
C TYR A 494 2.82 19.20 -13.57
N THR A 495 2.15 20.34 -13.67
CA THR A 495 2.15 21.10 -14.93
C THR A 495 3.53 21.62 -15.23
N TYR A 496 4.19 22.15 -14.22
CA TYR A 496 5.54 22.66 -14.33
C TYR A 496 6.50 21.51 -14.52
N LEU A 497 6.36 20.49 -13.70
CA LEU A 497 7.27 19.37 -13.68
C LEU A 497 7.17 18.52 -14.94
N ARG A 498 6.01 18.58 -15.60
CA ARG A 498 5.80 17.81 -16.84
C ARG A 498 6.78 18.26 -17.91
N LYS A 499 7.00 19.56 -17.98
CA LYS A 499 7.88 20.13 -18.96
C LYS A 499 9.31 20.07 -18.52
N GLN A 500 9.55 20.55 -17.31
CA GLN A 500 10.90 20.69 -16.76
C GLN A 500 11.63 19.38 -16.54
N LEU A 501 10.90 18.30 -16.42
CA LEU A 501 11.52 17.05 -16.09
C LEU A 501 11.26 16.01 -17.18
N ARG A 502 10.64 16.46 -18.28
CA ARG A 502 10.32 15.60 -19.44
C ARG A 502 9.57 14.37 -18.96
N LEU A 503 8.46 14.63 -18.32
CA LEU A 503 7.60 13.61 -17.76
C LEU A 503 6.87 12.81 -18.85
N ILE A 504 6.70 13.44 -20.01
CA ILE A 504 6.05 12.85 -21.18
C ILE A 504 7.01 12.53 -22.31
N VAL A 505 7.11 11.26 -22.65
CA VAL A 505 7.97 10.81 -23.73
C VAL A 505 7.16 10.03 -24.78
N ASP A 506 6.74 10.72 -25.84
CA ASP A 506 5.92 10.08 -26.88
C ASP A 506 6.80 9.30 -27.84
N GLU A 507 8.11 9.35 -27.62
CA GLU A 507 9.07 8.55 -28.37
C GLU A 507 9.01 7.10 -27.94
N VAL A 508 9.97 6.74 -27.08
CA VAL A 508 10.15 5.43 -26.45
C VAL A 508 9.52 4.22 -27.15
N ASN A 509 10.35 3.41 -27.77
CA ASN A 509 9.86 2.15 -28.32
C ASN A 509 9.82 1.15 -27.18
N GLU A 510 8.79 0.32 -27.17
CA GLU A 510 8.55 -0.59 -26.06
C GLU A 510 9.24 -1.93 -26.24
N GLN A 511 9.67 -2.23 -27.47
CA GLN A 511 10.40 -3.46 -27.75
C GLN A 511 11.82 -3.39 -27.18
N ASP A 512 12.37 -2.18 -27.16
CA ASP A 512 13.71 -1.96 -26.63
C ASP A 512 13.78 -0.56 -26.02
N PRO A 513 13.26 -0.41 -24.80
CA PRO A 513 13.12 0.87 -24.11
C PRO A 513 14.43 1.64 -23.93
N ASN A 514 14.34 2.95 -24.08
CA ASN A 514 15.50 3.82 -23.94
C ASN A 514 15.28 4.82 -22.80
N ASP A 515 14.15 4.69 -22.11
CA ASP A 515 13.82 5.53 -20.98
C ASP A 515 12.80 4.82 -20.10
N ILE A 516 12.77 5.21 -18.82
CA ILE A 516 11.86 4.59 -17.85
C ILE A 516 10.41 4.90 -18.16
N ALA A 517 10.16 5.76 -19.14
CA ALA A 517 8.80 6.13 -19.49
C ALA A 517 8.04 5.00 -20.19
N TYR A 518 8.73 3.89 -20.44
CA TYR A 518 8.12 2.75 -21.11
C TYR A 518 7.16 2.01 -20.19
N VAL A 519 7.28 2.20 -18.89
CA VAL A 519 6.45 1.47 -17.93
C VAL A 519 5.01 1.97 -17.89
N TYR A 520 4.78 3.13 -18.49
CA TYR A 520 3.42 3.67 -18.63
C TYR A 520 3.15 4.03 -20.09
N SER A 521 3.95 3.44 -20.99
CA SER A 521 3.79 3.64 -22.42
C SER A 521 3.84 5.10 -22.85
N GLY A 522 4.74 5.87 -22.23
CA GLY A 522 4.94 7.25 -22.61
C GLY A 522 5.03 8.22 -21.44
N TYR A 523 4.83 7.70 -20.24
CA TYR A 523 4.90 8.51 -19.04
C TYR A 523 6.00 8.04 -18.10
N ALA A 524 6.91 8.93 -17.76
CA ALA A 524 7.97 8.61 -16.80
C ALA A 524 7.49 9.05 -15.43
N PRO A 525 7.54 8.14 -14.44
CA PRO A 525 7.12 8.46 -13.07
C PRO A 525 7.96 9.57 -12.43
N LEU A 526 7.33 10.58 -11.85
CA LEU A 526 8.07 11.67 -11.20
C LEU A 526 9.01 11.19 -10.11
N SER A 527 8.55 10.25 -9.31
CA SER A 527 9.35 9.71 -8.22
C SER A 527 10.69 9.18 -8.71
N ILE A 528 10.69 8.38 -9.77
CA ILE A 528 11.92 7.83 -10.31
C ILE A 528 12.70 8.90 -11.06
N ARG A 529 11.96 9.83 -11.66
CA ARG A 529 12.59 10.95 -12.34
C ARG A 529 13.38 11.81 -11.33
N LEU A 530 12.87 11.93 -10.11
CA LEU A 530 13.56 12.67 -9.04
C LEU A 530 14.82 11.93 -8.61
N VAL A 531 14.75 10.60 -8.60
CA VAL A 531 15.91 9.78 -8.32
C VAL A 531 16.97 10.03 -9.39
N GLN A 532 16.52 10.22 -10.63
CA GLN A 532 17.44 10.50 -11.74
C GLN A 532 18.08 11.88 -11.65
N CYS A 533 17.43 12.80 -10.94
CA CYS A 533 17.99 14.13 -10.68
C CYS A 533 19.24 14.02 -9.84
N VAL A 534 19.37 12.88 -9.15
CA VAL A 534 20.47 12.63 -8.24
C VAL A 534 21.47 11.66 -8.84
N LEU A 535 20.97 10.63 -9.48
CA LEU A 535 21.78 9.52 -9.96
C LEU A 535 22.24 9.70 -11.40
N GLN A 536 21.40 10.28 -12.25
CA GLN A 536 21.69 10.44 -13.67
C GLN A 536 21.52 11.88 -14.17
N LYS A 537 22.34 12.79 -13.64
CA LYS A 537 22.24 14.21 -14.00
C LYS A 537 22.56 14.48 -15.46
N GLN A 538 23.57 13.79 -15.99
CA GLN A 538 23.96 14.00 -17.38
C GLN A 538 22.85 13.60 -18.35
N TYR A 539 22.29 12.41 -18.13
CA TYR A 539 21.20 11.94 -18.97
C TYR A 539 19.98 12.83 -18.90
N LEU A 540 19.64 13.23 -17.68
CA LEU A 540 18.48 14.07 -17.45
C LEU A 540 18.67 15.45 -18.10
N LEU A 541 19.90 15.95 -18.09
CA LEU A 541 20.22 17.19 -18.81
C LEU A 541 20.14 17.01 -20.32
N SER A 542 20.63 15.87 -20.81
CA SER A 542 20.60 15.60 -22.25
C SER A 542 19.18 15.57 -22.85
N ILE A 543 18.22 14.99 -22.10
CA ILE A 543 16.83 14.92 -22.57
C ILE A 543 16.01 16.18 -22.30
N THR A 544 16.69 17.27 -21.96
CA THR A 544 16.04 18.56 -21.71
C THR A 544 16.98 19.64 -22.26
N LYS A 545 17.93 19.18 -23.08
CA LYS A 545 18.78 20.03 -23.91
C LYS A 545 19.61 21.03 -23.09
N GLY A 558 32.37 9.35 -12.01
CA GLY A 558 31.34 10.11 -11.30
C GLY A 558 31.89 10.93 -10.14
N GLY A 559 31.76 10.38 -8.93
CA GLY A 559 32.21 11.04 -7.72
C GLY A 559 31.30 12.19 -7.31
N GLY A 560 31.22 13.20 -8.17
CA GLY A 560 30.36 14.34 -7.91
C GLY A 560 30.02 15.08 -9.18
N ALA A 561 29.22 16.15 -9.07
CA ALA A 561 28.70 16.61 -7.79
C ALA A 561 27.38 15.91 -7.49
N GLN A 562 27.35 15.18 -6.38
CA GLN A 562 26.17 14.45 -5.93
C GLN A 562 25.10 15.40 -5.39
N GLY A 563 24.01 14.84 -4.85
CA GLY A 563 22.96 15.67 -4.28
C GLY A 563 21.93 16.12 -5.31
N TRP A 564 21.17 17.15 -4.96
CA TRP A 564 20.23 17.75 -5.90
C TRP A 564 20.85 18.83 -6.79
N LYS A 565 22.18 18.96 -6.73
CA LYS A 565 22.90 20.03 -7.42
C LYS A 565 22.50 20.14 -8.89
N GLY A 566 22.08 21.34 -9.29
CA GLY A 566 21.72 21.59 -10.67
C GLY A 566 20.25 21.32 -10.97
N PHE A 567 19.52 20.77 -10.01
CA PHE A 567 18.10 20.52 -10.19
C PHE A 567 17.28 21.04 -9.02
N GLU A 568 17.86 22.01 -8.33
CA GLU A 568 17.29 22.60 -7.12
C GLU A 568 15.99 23.35 -7.42
N GLU A 569 15.95 24.09 -8.51
CA GLU A 569 14.77 24.89 -8.85
C GLU A 569 13.61 23.99 -9.24
N ILE A 570 13.93 22.88 -9.91
CA ILE A 570 12.91 21.94 -10.35
C ILE A 570 12.31 21.17 -9.17
N VAL A 571 13.18 20.60 -8.34
CA VAL A 571 12.75 19.83 -7.19
C VAL A 571 12.01 20.72 -6.19
N LYS A 572 12.29 22.01 -6.24
CA LYS A 572 11.57 23.00 -5.42
C LYS A 572 10.08 22.97 -5.70
N HIS A 573 9.72 22.57 -6.92
CA HIS A 573 8.32 22.54 -7.36
C HIS A 573 7.57 21.23 -7.09
N ALA A 574 8.25 20.30 -6.44
CA ALA A 574 7.62 19.09 -5.96
C ALA A 574 7.35 19.29 -4.47
N ARG A 575 6.27 18.69 -3.97
CA ARG A 575 5.81 18.84 -2.60
C ARG A 575 6.89 18.53 -1.56
N GLY A 576 6.83 19.21 -0.42
CA GLY A 576 7.69 18.85 0.69
C GLY A 576 9.12 19.34 0.61
N PRO A 577 9.88 19.16 1.71
CA PRO A 577 11.27 19.57 1.92
C PRO A 577 12.24 18.82 1.01
N THR A 578 13.20 19.55 0.46
CA THR A 578 14.32 18.94 -0.26
C THR A 578 15.56 18.90 0.64
N PHE A 579 16.19 17.75 0.82
CA PHE A 579 17.37 17.74 1.67
C PHE A 579 18.53 16.84 1.23
N ASP A 580 19.70 17.06 1.85
CA ASP A 580 20.91 16.34 1.53
C ASP A 580 21.94 16.47 2.66
N GLU A 581 21.75 15.69 3.71
CA GLU A 581 22.65 15.66 4.85
C GLU A 581 23.88 14.80 4.60
N ILE A 582 25.01 15.26 5.15
CA ILE A 582 26.27 14.54 5.06
C ILE A 582 26.66 14.09 6.47
N GLN A 583 26.97 12.81 6.61
CA GLN A 583 27.35 12.26 7.90
C GLN A 583 28.87 11.99 8.01
N LYS A 584 29.45 12.43 9.14
CA LYS A 584 30.88 12.30 9.37
C LYS A 584 31.15 11.70 10.75
N GLY A 601 36.61 4.03 -3.50
CA GLY A 601 37.38 3.44 -4.58
C GLY A 601 36.51 2.85 -5.69
N ASP A 602 36.28 1.54 -5.61
CA ASP A 602 35.47 0.83 -6.59
C ASP A 602 33.96 0.98 -6.32
N LYS A 603 33.17 0.19 -7.01
CA LYS A 603 31.71 0.32 -7.03
C LYS A 603 31.04 0.09 -5.66
N LYS A 604 30.13 1.00 -5.31
CA LYS A 604 29.42 0.94 -4.04
C LYS A 604 27.93 0.74 -4.28
N THR A 605 27.19 0.44 -3.22
CA THR A 605 25.75 0.24 -3.33
C THR A 605 25.00 1.54 -3.00
N VAL A 606 23.84 1.74 -3.64
CA VAL A 606 23.00 2.90 -3.37
C VAL A 606 21.59 2.48 -2.94
N PHE A 607 21.16 2.94 -1.78
CA PHE A 607 19.82 2.60 -1.30
C PHE A 607 18.78 3.65 -1.71
N VAL A 608 17.83 3.21 -2.52
CA VAL A 608 16.71 4.05 -2.89
C VAL A 608 15.51 3.65 -2.03
N VAL A 609 15.13 4.53 -1.11
CA VAL A 609 14.11 4.22 -0.11
C VAL A 609 12.79 4.96 -0.38
N PHE A 610 11.70 4.19 -0.38
CA PHE A 610 10.38 4.77 -0.56
C PHE A 610 9.56 4.73 0.73
N VAL A 611 9.31 5.89 1.33
CA VAL A 611 8.44 5.96 2.49
C VAL A 611 6.98 6.14 2.08
N GLY A 612 6.17 5.12 2.32
CA GLY A 612 4.75 5.18 2.00
C GLY A 612 4.35 4.43 0.75
N GLY A 613 5.11 3.40 0.40
CA GLY A 613 4.78 2.55 -0.72
C GLY A 613 5.51 2.81 -2.02
N ILE A 614 5.82 1.72 -2.72
CA ILE A 614 6.39 1.79 -4.06
C ILE A 614 5.59 0.87 -5.00
N THR A 615 5.59 1.17 -6.29
CA THR A 615 4.85 0.37 -7.25
C THR A 615 5.77 -0.49 -8.10
N PHE A 616 5.20 -1.55 -8.66
CA PHE A 616 5.94 -2.46 -9.55
C PHE A 616 6.46 -1.72 -10.77
N THR A 617 5.71 -0.73 -11.22
CA THR A 617 6.17 0.13 -12.31
C THR A 617 7.44 0.88 -11.91
N GLU A 618 7.44 1.40 -10.68
CA GLU A 618 8.58 2.14 -10.15
C GLU A 618 9.77 1.24 -9.90
N ILE A 619 9.50 -0.01 -9.53
CA ILE A 619 10.59 -0.96 -9.31
C ILE A 619 11.27 -1.30 -10.63
N ALA A 620 10.47 -1.63 -11.65
CA ALA A 620 11.00 -1.92 -12.98
C ALA A 620 11.79 -0.75 -13.56
N ALA A 621 11.23 0.45 -13.44
CA ALA A 621 11.90 1.65 -13.93
C ALA A 621 13.24 1.82 -13.24
N LEU A 622 13.22 1.58 -11.94
CA LEU A 622 14.41 1.65 -11.09
C LEU A 622 15.43 0.59 -11.48
N ARG A 623 14.94 -0.61 -11.80
CA ARG A 623 15.80 -1.71 -12.25
C ARG A 623 16.44 -1.39 -13.59
N PHE A 624 15.69 -0.65 -14.42
CA PHE A 624 16.17 -0.20 -15.72
C PHE A 624 17.35 0.74 -15.55
N ILE A 625 17.32 1.50 -14.48
CA ILE A 625 18.38 2.44 -14.17
C ILE A 625 19.56 1.70 -13.54
N ALA A 626 19.24 0.71 -12.71
CA ALA A 626 20.27 -0.10 -12.06
C ALA A 626 21.18 -0.76 -13.10
N LYS A 627 20.60 -1.19 -14.21
CA LYS A 627 21.34 -1.78 -15.32
C LYS A 627 22.25 -0.75 -15.98
N GLN A 628 21.69 0.41 -16.28
CA GLN A 628 22.44 1.51 -16.90
C GLN A 628 23.61 2.00 -16.03
N GLU A 629 23.55 1.68 -14.74
CA GLU A 629 24.52 2.15 -13.76
C GLU A 629 25.32 0.98 -13.21
N GLU A 630 25.10 -0.20 -13.81
CA GLU A 630 25.71 -1.46 -13.38
C GLU A 630 27.22 -1.35 -13.14
N ALA A 631 27.87 -0.47 -13.89
CA ALA A 631 29.31 -0.28 -13.78
C ALA A 631 29.72 0.29 -12.42
N ARG A 632 29.24 1.50 -12.13
CA ARG A 632 29.71 2.26 -10.96
C ARG A 632 28.85 2.13 -9.70
N ARG A 633 27.67 1.53 -9.80
CA ARG A 633 26.75 1.50 -8.66
C ARG A 633 25.98 0.19 -8.52
N ASN A 634 25.70 -0.20 -7.28
CA ASN A 634 24.75 -1.27 -7.00
C ASN A 634 23.50 -0.69 -6.35
N ILE A 635 22.38 -0.70 -7.07
CA ILE A 635 21.16 -0.10 -6.55
C ILE A 635 20.25 -1.08 -5.80
N VAL A 636 19.95 -0.76 -4.54
CA VAL A 636 19.09 -1.59 -3.71
C VAL A 636 17.86 -0.79 -3.24
N ILE A 637 16.68 -1.32 -3.54
CA ILE A 637 15.43 -0.63 -3.25
C ILE A 637 14.89 -1.00 -1.86
N CYS A 638 14.48 0.00 -1.09
CA CYS A 638 13.81 -0.25 0.18
C CYS A 638 12.47 0.46 0.22
N THR A 639 11.50 -0.14 0.90
CA THR A 639 10.17 0.44 0.98
C THR A 639 9.38 -0.07 2.18
N THR A 640 8.38 0.70 2.58
CA THR A 640 7.48 0.30 3.66
C THR A 640 6.55 -0.81 3.20
N SER A 641 6.14 -0.74 1.94
CA SER A 641 5.27 -1.74 1.34
C SER A 641 5.30 -1.65 -0.17
N ILE A 642 4.64 -2.58 -0.83
CA ILE A 642 4.44 -2.47 -2.27
C ILE A 642 2.99 -2.04 -2.47
N ILE A 643 2.82 -0.88 -3.09
CA ILE A 643 1.56 -0.18 -3.10
C ILE A 643 0.99 -0.14 -4.52
N ASN A 644 -0.31 0.12 -4.63
CA ASN A 644 -0.90 0.40 -5.92
C ASN A 644 -2.14 1.24 -5.76
N GLY A 645 -2.72 1.64 -6.87
CA GLY A 645 -3.88 2.53 -6.87
C GLY A 645 -5.03 1.99 -6.05
N ASN A 646 -5.27 0.70 -6.18
CA ASN A 646 -6.39 0.07 -5.50
C ASN A 646 -6.18 -0.05 -3.99
N ARG A 647 -4.95 -0.32 -3.57
CA ARG A 647 -4.64 -0.38 -2.14
C ARG A 647 -4.80 1.00 -1.54
N MET A 648 -4.38 2.00 -2.30
CA MET A 648 -4.51 3.39 -1.88
C MET A 648 -5.95 3.77 -1.68
N MET A 649 -6.78 3.46 -2.68
CA MET A 649 -8.20 3.75 -2.62
C MET A 649 -8.89 2.97 -1.52
N ASN A 650 -8.51 1.70 -1.37
CA ASN A 650 -9.13 0.85 -0.35
C ASN A 650 -8.95 1.40 1.05
N ALA A 651 -7.91 2.21 1.21
CA ALA A 651 -7.61 2.94 2.44
C ALA A 651 -8.69 3.96 2.79
N ALA A 652 -9.38 4.48 1.78
CA ALA A 652 -10.30 5.59 1.98
C ALA A 652 -11.74 5.14 1.88
N ILE A 653 -11.98 4.00 1.23
CA ILE A 653 -13.32 3.54 0.91
C ILE A 653 -14.08 2.90 2.07
N GLU A 654 -15.19 3.54 2.46
CA GLU A 654 -16.11 3.03 3.47
C GLU A 654 -16.90 1.82 2.96
N THR A 655 -16.90 0.74 3.73
CA THR A 655 -17.55 -0.51 3.30
C THR A 655 -18.92 -0.76 3.95
N ALA A 656 -19.29 0.06 4.94
CA ALA A 656 -20.63 -0.02 5.52
C ALA A 656 -21.67 0.33 4.44
N THR A 657 -22.96 0.09 4.70
CA THR A 657 -23.84 -0.11 3.57
C THR A 657 -25.34 0.27 3.63
N PHE A 658 -25.83 0.79 4.75
CA PHE A 658 -27.26 1.20 4.85
C PHE A 658 -28.27 0.07 4.61
N GLU A 659 -27.79 -1.16 4.48
CA GLU A 659 -28.63 -2.31 4.19
C GLU A 659 -29.13 -3.00 5.44
N LYS A 660 -29.76 -4.16 5.24
CA LYS A 660 -30.23 -5.03 6.30
C LYS A 660 -29.03 -5.66 7.01
N THR A 661 -29.11 -5.82 8.33
CA THR A 661 -28.03 -6.49 9.06
C THR A 661 -28.26 -8.01 9.12
N GLU B 23 16.47 26.51 30.55
CA GLU B 23 17.32 27.11 29.52
C GLU B 23 18.19 26.05 28.86
N LEU B 24 18.16 24.83 29.41
CA LEU B 24 18.99 23.77 28.89
C LEU B 24 18.43 22.39 29.27
N LEU B 25 17.57 21.85 28.41
CA LEU B 25 17.22 20.43 28.44
C LEU B 25 18.38 19.67 27.79
N ASN B 26 19.30 20.48 27.28
CA ASN B 26 20.71 20.16 27.12
C ASN B 26 21.13 18.87 26.42
N HIS B 27 22.44 18.64 26.51
CA HIS B 27 23.15 17.53 25.90
C HIS B 27 22.67 16.18 26.42
N GLU B 28 22.16 16.18 27.66
CA GLU B 28 21.71 14.95 28.29
C GLU B 28 20.18 14.86 28.33
N PRO B 29 19.65 13.65 28.16
CA PRO B 29 20.44 12.51 27.69
C PRO B 29 20.03 12.04 26.30
N ARG B 30 19.63 10.78 26.25
CA ARG B 30 19.05 10.18 25.07
C ARG B 30 17.64 10.73 24.89
N ALA B 31 17.47 11.63 23.91
CA ALA B 31 16.17 12.21 23.61
C ALA B 31 15.15 11.10 23.40
N GLY B 32 14.64 10.58 24.52
CA GLY B 32 13.98 9.30 24.52
C GLY B 32 13.60 8.86 25.92
N ARG B 33 14.42 9.23 26.89
CA ARG B 33 13.96 9.17 28.28
C ARG B 33 14.21 10.47 29.05
N GLN B 34 14.39 11.57 28.32
CA GLN B 34 14.24 12.88 28.92
C GLN B 34 12.73 13.16 29.11
N VAL B 35 11.89 12.31 28.52
CA VAL B 35 10.44 12.45 28.64
C VAL B 35 9.87 11.98 29.99
N PRO B 36 10.18 10.74 30.45
CA PRO B 36 9.64 10.50 31.81
C PRO B 36 10.17 11.52 32.84
N LEU B 37 11.43 11.93 32.67
CA LEU B 37 12.03 13.01 33.43
C LEU B 37 11.17 14.26 33.37
N LEU B 38 10.80 14.62 32.16
CA LEU B 38 9.93 15.76 31.88
C LEU B 38 8.57 15.65 32.57
N LEU B 39 8.03 14.45 32.72
CA LEU B 39 6.69 14.33 33.27
C LEU B 39 6.77 14.29 34.78
N SER B 40 7.86 13.71 35.29
CA SER B 40 8.18 13.71 36.72
C SER B 40 8.25 15.15 37.22
N MET B 41 8.74 16.03 36.36
CA MET B 41 8.85 17.44 36.68
C MET B 41 7.59 18.18 36.26
N GLU B 42 6.50 17.43 36.13
CA GLU B 42 5.19 17.94 35.70
C GLU B 42 5.34 18.97 34.60
N GLU B 43 6.18 18.70 33.61
CA GLU B 43 6.23 19.58 32.48
C GLU B 43 5.43 19.04 31.33
N ASP B 44 4.13 19.25 31.41
CA ASP B 44 3.22 18.64 30.47
C ASP B 44 3.48 19.31 29.14
N GLU B 45 3.00 18.69 28.07
CA GLU B 45 3.24 19.15 26.70
C GLU B 45 4.69 19.16 26.25
N LEU B 46 5.63 19.40 27.16
CA LEU B 46 7.02 19.40 26.76
C LEU B 46 7.38 17.93 26.62
N ALA B 47 6.88 17.14 27.58
CA ALA B 47 7.08 15.71 27.55
C ALA B 47 6.45 15.14 26.30
N LEU B 48 5.24 15.61 26.00
CA LEU B 48 4.50 15.13 24.83
C LEU B 48 5.25 15.47 23.55
N ASP B 49 5.76 16.69 23.48
CA ASP B 49 6.48 17.15 22.30
C ASP B 49 7.71 16.31 22.06
N LYS B 50 8.42 15.95 23.13
CA LYS B 50 9.63 15.17 22.99
C LYS B 50 9.30 13.74 22.54
N ALA B 51 8.16 13.23 22.97
CA ALA B 51 7.73 11.91 22.52
C ALA B 51 7.34 11.96 21.03
N ILE B 52 6.74 13.06 20.61
CA ILE B 52 6.35 13.21 19.22
C ILE B 52 7.60 13.34 18.32
N GLU B 53 8.54 14.17 18.74
CA GLU B 53 9.81 14.37 18.03
C GLU B 53 10.59 13.07 17.91
N SER B 54 10.42 12.19 18.88
CA SER B 54 11.14 10.92 18.90
C SER B 54 10.65 9.99 17.80
N GLY B 55 9.37 10.11 17.43
CA GLY B 55 8.79 9.25 16.42
C GLY B 55 8.34 7.90 16.95
N ASP B 56 8.87 7.54 18.13
CA ASP B 56 8.54 6.29 18.82
C ASP B 56 7.08 6.23 19.30
N THR B 57 6.24 5.49 18.59
CA THR B 57 4.81 5.46 18.93
C THR B 57 4.54 4.93 20.34
N ASP B 58 5.50 4.19 20.89
CA ASP B 58 5.33 3.61 22.21
C ASP B 58 5.49 4.69 23.28
N LEU B 59 6.52 5.52 23.10
CA LEU B 59 6.77 6.66 23.96
C LEU B 59 5.64 7.68 23.91
N ILE B 60 5.07 7.86 22.72
CA ILE B 60 3.94 8.78 22.51
C ILE B 60 2.66 8.32 23.22
N TYR B 61 2.36 7.02 23.12
CA TYR B 61 1.18 6.47 23.78
C TYR B 61 1.33 6.64 25.29
N PHE B 62 2.54 6.39 25.77
CA PHE B 62 2.87 6.44 27.19
C PHE B 62 2.57 7.79 27.79
N VAL B 63 2.95 8.83 27.08
CA VAL B 63 2.69 10.18 27.55
C VAL B 63 1.20 10.48 27.48
N ILE B 64 0.55 10.05 26.39
CA ILE B 64 -0.89 10.23 26.24
C ILE B 64 -1.73 9.52 27.30
N HIS B 65 -1.36 8.27 27.63
CA HIS B 65 -2.10 7.53 28.65
C HIS B 65 -1.96 8.12 30.03
N GLN B 66 -0.75 8.59 30.36
CA GLN B 66 -0.52 9.22 31.64
C GLN B 66 -1.30 10.51 31.77
N LEU B 67 -1.24 11.34 30.74
CA LEU B 67 -1.93 12.63 30.70
C LEU B 67 -3.43 12.44 30.88
N ARG B 68 -3.99 11.37 30.31
CA ARG B 68 -5.42 11.13 30.41
C ARG B 68 -5.84 10.85 31.85
N ARG B 69 -4.99 10.11 32.55
CA ARG B 69 -5.28 9.68 33.92
C ARG B 69 -5.06 10.85 34.87
N LYS B 70 -4.28 11.82 34.41
CA LYS B 70 -3.83 12.92 35.26
C LYS B 70 -4.78 14.10 35.14
N LEU B 71 -5.29 14.32 33.93
CA LEU B 71 -6.01 15.54 33.63
C LEU B 71 -7.51 15.37 33.54
N PRO B 72 -8.25 16.45 33.80
CA PRO B 72 -9.64 16.52 33.35
C PRO B 72 -9.64 16.37 31.83
N LEU B 73 -10.57 15.61 31.24
CA LEU B 73 -10.52 15.34 29.81
C LEU B 73 -10.44 16.63 29.00
N ALA B 74 -11.21 17.65 29.37
CA ALA B 74 -11.16 18.92 28.64
C ALA B 74 -9.76 19.52 28.56
N SER B 75 -8.99 19.44 29.64
CA SER B 75 -7.63 19.95 29.59
C SER B 75 -6.79 19.02 28.72
N PHE B 76 -7.04 17.73 28.85
CA PHE B 76 -6.42 16.70 28.02
C PHE B 76 -6.72 16.94 26.54
N PHE B 77 -7.97 17.27 26.24
CA PHE B 77 -8.37 17.52 24.86
C PHE B 77 -7.64 18.71 24.28
N ARG B 78 -7.42 19.73 25.11
CA ARG B 78 -6.78 20.93 24.62
C ARG B 78 -5.30 20.65 24.31
N VAL B 79 -4.64 19.90 25.19
CA VAL B 79 -3.25 19.53 24.94
C VAL B 79 -3.06 18.75 23.64
N VAL B 80 -3.89 17.75 23.41
CA VAL B 80 -3.68 16.82 22.31
C VAL B 80 -4.16 17.38 20.97
N SER B 81 -4.99 18.43 21.02
CA SER B 81 -5.52 19.00 19.79
C SER B 81 -4.64 20.06 19.17
N SER B 82 -3.76 20.63 19.97
CA SER B 82 -2.74 21.54 19.46
C SER B 82 -1.71 20.76 18.65
N ARG B 83 -1.57 19.47 18.95
CA ARG B 83 -0.53 18.67 18.35
C ARG B 83 -1.16 17.53 17.52
N PRO B 84 -1.24 17.70 16.18
CA PRO B 84 -1.79 16.73 15.23
C PRO B 84 -1.48 15.24 15.50
N THR B 85 -0.21 14.88 15.66
CA THR B 85 0.14 13.47 15.85
C THR B 85 -0.51 12.90 17.10
N ALA B 86 -0.58 13.71 18.17
CA ALA B 86 -1.19 13.27 19.42
C ALA B 86 -2.68 13.01 19.24
N SER B 87 -3.38 14.00 18.71
CA SER B 87 -4.83 13.90 18.45
C SER B 87 -5.11 12.68 17.58
N ALA B 88 -4.27 12.52 16.56
CA ALA B 88 -4.43 11.42 15.63
C ALA B 88 -4.42 10.07 16.35
N MET B 89 -3.49 9.90 17.28
CA MET B 89 -3.39 8.65 18.01
C MET B 89 -4.49 8.43 19.02
N VAL B 90 -4.90 9.50 19.70
CA VAL B 90 -6.04 9.44 20.62
C VAL B 90 -7.27 8.96 19.86
N GLU B 91 -7.41 9.51 18.66
CA GLU B 91 -8.58 9.31 17.81
C GLU B 91 -8.62 7.90 17.25
N ALA B 92 -7.45 7.38 16.92
CA ALA B 92 -7.32 6.02 16.40
C ALA B 92 -7.78 5.04 17.45
N LEU B 93 -7.18 5.14 18.64
CA LEU B 93 -7.50 4.28 19.76
C LEU B 93 -8.98 4.28 20.12
N ALA B 94 -9.66 5.40 19.83
CA ALA B 94 -11.09 5.56 20.13
C ALA B 94 -11.95 4.76 19.18
N ARG B 95 -11.37 4.38 18.05
CA ARG B 95 -12.07 3.64 17.01
C ARG B 95 -11.54 2.21 16.93
N ASN B 96 -10.98 1.72 18.03
CA ASN B 96 -10.29 0.44 18.05
C ASN B 96 -10.07 -0.10 19.45
N SER B 97 -11.15 -0.42 20.16
CA SER B 97 -11.03 -0.87 21.53
C SER B 97 -11.69 -2.22 21.76
N ASP B 98 -11.26 -3.21 20.98
CA ASP B 98 -11.81 -4.57 21.03
C ASP B 98 -10.88 -5.74 20.66
N GLY B 99 -10.12 -5.68 19.57
CA GLY B 99 -9.92 -4.51 18.73
C GLY B 99 -10.64 -4.56 17.40
N ASP B 100 -10.63 -3.42 16.71
CA ASP B 100 -11.48 -3.14 15.55
C ASP B 100 -12.93 -3.02 16.00
N GLY B 101 -13.85 -2.99 15.04
CA GLY B 101 -15.27 -2.82 15.29
C GLY B 101 -15.62 -1.83 16.39
N ASN B 102 -15.62 -2.30 17.63
CA ASN B 102 -16.22 -1.55 18.74
C ASN B 102 -15.55 -0.21 19.01
N GLU B 103 -16.34 0.75 19.46
CA GLU B 103 -15.95 2.16 19.52
C GLU B 103 -16.04 2.71 20.92
N ASP B 104 -15.40 3.85 21.12
CA ASP B 104 -15.55 4.64 22.32
C ASP B 104 -16.10 5.97 21.82
N THR B 105 -17.32 5.88 21.29
CA THR B 105 -18.02 6.96 20.62
C THR B 105 -18.22 8.23 21.45
N ALA B 106 -18.39 8.05 22.77
CA ALA B 106 -18.55 9.16 23.70
C ALA B 106 -17.33 10.06 23.72
N LEU B 107 -16.15 9.45 23.78
CA LEU B 107 -14.91 10.19 23.78
C LEU B 107 -14.80 11.04 22.51
N LEU B 108 -15.09 10.42 21.35
CA LEU B 108 -15.00 11.08 20.05
C LEU B 108 -15.92 12.29 19.91
N LYS B 109 -17.17 12.14 20.32
CA LYS B 109 -18.13 13.24 20.24
C LYS B 109 -17.62 14.44 21.03
N ASP B 110 -17.11 14.18 22.23
CA ASP B 110 -16.64 15.25 23.11
C ASP B 110 -15.41 15.93 22.55
N LEU B 111 -14.48 15.12 22.04
CA LEU B 111 -13.26 15.63 21.41
C LEU B 111 -13.54 16.58 20.25
N TYR B 112 -14.47 16.19 19.39
CA TYR B 112 -14.82 16.98 18.20
C TYR B 112 -15.65 18.20 18.55
N TYR B 113 -16.35 18.15 19.67
CA TYR B 113 -17.23 19.25 20.00
C TYR B 113 -16.41 20.39 20.55
N GLN B 114 -15.41 20.05 21.36
CA GLN B 114 -14.56 21.02 22.01
C GLN B 114 -13.49 21.59 21.08
N ASP B 115 -13.49 21.12 19.84
CA ASP B 115 -12.52 21.50 18.81
C ASP B 115 -13.20 22.08 17.58
N ASP B 116 -14.52 22.22 17.63
CA ASP B 116 -15.32 22.67 16.49
C ASP B 116 -15.01 21.88 15.24
N ARG B 117 -14.74 20.58 15.39
CA ARG B 117 -14.60 19.72 14.23
C ARG B 117 -15.94 19.15 13.78
N ARG B 118 -16.85 20.05 13.39
CA ARG B 118 -18.22 19.70 13.01
C ARG B 118 -18.37 18.60 11.95
N LEU B 119 -17.50 18.54 10.95
CA LEU B 119 -17.55 17.43 10.01
C LEU B 119 -17.22 16.08 10.64
N ASP B 120 -16.13 16.04 11.39
CA ASP B 120 -15.67 14.83 12.04
C ASP B 120 -16.68 14.32 13.06
N GLY B 121 -17.35 15.26 13.72
CA GLY B 121 -18.39 14.91 14.67
C GLY B 121 -19.62 14.36 13.97
N ALA B 122 -19.96 14.95 12.83
CA ALA B 122 -21.11 14.50 12.07
C ALA B 122 -20.87 13.10 11.52
N SER B 123 -19.62 12.83 11.12
CA SER B 123 -19.26 11.54 10.56
C SER B 123 -19.43 10.41 11.55
N VAL B 124 -19.35 10.72 12.83
CA VAL B 124 -19.52 9.73 13.87
C VAL B 124 -20.95 9.22 13.89
N PHE B 125 -21.90 10.14 13.75
CA PHE B 125 -23.29 9.77 13.74
C PHE B 125 -23.60 8.99 12.47
N ILE B 126 -23.06 9.45 11.35
CA ILE B 126 -23.19 8.77 10.06
C ILE B 126 -22.67 7.33 10.12
N ARG B 127 -21.47 7.17 10.67
CA ARG B 127 -20.87 5.87 10.88
C ARG B 127 -21.80 4.95 11.71
N GLU B 128 -22.47 5.54 12.69
CA GLU B 128 -23.46 4.85 13.54
C GLU B 128 -24.74 4.44 12.79
N ALA B 129 -25.11 5.23 11.79
CA ALA B 129 -26.31 4.99 11.00
C ALA B 129 -26.12 3.75 10.15
N LEU B 130 -24.85 3.47 9.87
CA LEU B 130 -24.44 2.34 9.06
C LEU B 130 -24.43 1.04 9.86
N GLN B 131 -24.69 1.15 11.16
CA GLN B 131 -24.72 0.01 12.05
C GLN B 131 -26.14 -0.32 12.52
N GLN B 132 -27.09 0.51 12.09
CA GLN B 132 -28.49 0.34 12.46
C GLN B 132 -29.21 -0.70 11.60
N PRO B 133 -29.85 -1.67 12.26
CA PRO B 133 -30.50 -2.80 11.59
C PRO B 133 -31.82 -2.40 10.91
N GLU B 134 -32.32 -1.21 11.24
CA GLU B 134 -33.53 -0.68 10.62
C GLU B 134 -33.37 0.72 10.02
N THR B 135 -34.12 0.99 8.96
CA THR B 135 -34.02 2.23 8.19
C THR B 135 -34.43 3.43 9.04
N ARG B 136 -35.34 3.19 9.97
CA ARG B 136 -35.86 4.23 10.83
C ARG B 136 -34.82 4.74 11.82
N THR B 137 -34.08 3.82 12.43
CA THR B 137 -32.97 4.17 13.30
C THR B 137 -31.81 4.84 12.56
N ALA B 138 -31.47 4.29 11.39
CA ALA B 138 -30.40 4.83 10.56
C ALA B 138 -30.72 6.27 10.16
N SER B 139 -31.97 6.54 9.85
CA SER B 139 -32.37 7.90 9.47
C SER B 139 -32.32 8.83 10.67
N ASP B 140 -32.53 8.27 11.86
CA ASP B 140 -32.45 9.05 13.09
C ASP B 140 -31.03 9.53 13.37
N LYS B 141 -30.07 8.63 13.15
CA LYS B 141 -28.65 8.97 13.30
C LYS B 141 -28.24 10.02 12.27
N LEU B 142 -28.77 9.87 11.06
CA LEU B 142 -28.54 10.80 9.97
C LEU B 142 -29.08 12.18 10.32
N ASP B 143 -30.20 12.20 11.05
CA ASP B 143 -30.79 13.45 11.52
C ASP B 143 -29.84 14.17 12.49
N LEU B 144 -29.28 13.43 13.45
CA LEU B 144 -28.29 13.98 14.39
C LEU B 144 -27.08 14.56 13.66
N ALA B 145 -26.56 13.80 12.70
CA ALA B 145 -25.46 14.24 11.84
C ALA B 145 -25.76 15.63 11.29
N ALA B 146 -26.97 15.81 10.77
CA ALA B 146 -27.39 17.08 10.19
C ALA B 146 -27.48 18.16 11.27
N ASN B 147 -27.99 17.78 12.44
CA ASN B 147 -28.20 18.73 13.53
C ASN B 147 -26.91 19.47 13.93
N LEU B 148 -25.78 18.78 13.84
CA LEU B 148 -24.49 19.43 14.11
C LEU B 148 -24.14 20.45 13.07
N LEU B 149 -24.54 20.15 11.84
CA LEU B 149 -24.14 20.93 10.68
C LEU B 149 -24.94 22.21 10.46
N GLN B 150 -26.13 22.28 11.05
CA GLN B 150 -26.92 23.51 10.95
C GLN B 150 -26.46 24.52 11.99
N GLY B 151 -25.22 24.96 11.84
CA GLY B 151 -24.61 25.97 12.69
C GLY B 151 -23.10 25.79 12.62
N ASN B 152 -22.43 26.14 11.52
CA ASN B 152 -22.86 27.01 10.40
C ASN B 152 -24.14 26.75 9.59
N GLN B 153 -23.92 26.32 8.34
CA GLN B 153 -24.93 26.08 7.31
C GLN B 153 -24.19 26.12 6.00
N LYS B 154 -23.66 27.30 5.68
CA LYS B 154 -22.72 27.47 4.59
C LYS B 154 -21.50 26.59 4.85
N GLU B 155 -20.82 26.19 3.78
CA GLU B 155 -19.72 25.21 3.78
C GLU B 155 -20.24 23.79 3.95
N HIS B 156 -21.32 23.65 4.71
CA HIS B 156 -21.92 22.35 4.94
C HIS B 156 -23.12 22.15 4.03
N VAL B 157 -23.23 23.02 3.02
CA VAL B 157 -24.38 23.00 2.11
C VAL B 157 -24.48 21.63 1.46
N PHE B 158 -23.34 21.15 0.95
CA PHE B 158 -23.30 19.87 0.27
C PHE B 158 -23.68 18.70 1.16
N GLU B 159 -23.03 18.63 2.32
CA GLU B 159 -23.24 17.51 3.24
C GLU B 159 -24.66 17.46 3.80
N LEU B 160 -25.23 18.63 4.09
CA LEU B 160 -26.62 18.70 4.53
C LEU B 160 -27.52 18.15 3.44
N GLY B 161 -27.28 18.59 2.20
CA GLY B 161 -28.01 18.10 1.06
C GLY B 161 -27.87 16.60 0.87
N ALA B 162 -26.65 16.10 1.05
CA ALA B 162 -26.37 14.67 0.87
C ALA B 162 -27.14 13.85 1.89
N LEU B 163 -27.12 14.32 3.13
CA LEU B 163 -27.84 13.69 4.23
C LEU B 163 -29.34 13.66 3.97
N LYS B 164 -29.88 14.79 3.50
CA LYS B 164 -31.30 14.91 3.18
C LYS B 164 -31.67 13.94 2.08
N GLU B 165 -30.78 13.79 1.09
CA GLU B 165 -30.98 12.84 0.01
C GLU B 165 -31.07 11.42 0.53
N ALA B 166 -30.14 11.06 1.41
CA ALA B 166 -30.07 9.71 1.94
C ALA B 166 -31.34 9.37 2.72
N LYS B 167 -31.83 10.31 3.51
CA LYS B 167 -33.08 10.10 4.23
C LYS B 167 -34.26 9.82 3.30
N MET B 168 -34.34 10.55 2.19
CA MET B 168 -35.40 10.34 1.21
C MET B 168 -35.32 9.00 0.49
N LEU B 169 -34.14 8.65 -0.01
CA LEU B 169 -33.94 7.40 -0.74
C LEU B 169 -34.26 6.19 0.13
N LEU B 170 -33.85 6.26 1.40
CA LEU B 170 -34.13 5.17 2.35
C LEU B 170 -35.64 4.95 2.49
N ARG B 171 -36.41 6.02 2.61
CA ARG B 171 -37.87 5.90 2.74
C ARG B 171 -38.48 5.25 1.51
N MET B 172 -38.17 5.82 0.35
CA MET B 172 -38.65 5.31 -0.92
C MET B 172 -38.28 3.85 -1.13
N GLN B 173 -37.11 3.45 -0.64
CA GLN B 173 -36.68 2.07 -0.83
C GLN B 173 -37.43 1.07 0.04
N GLU B 174 -37.83 1.46 1.24
CA GLU B 174 -38.61 0.56 2.09
C GLU B 174 -40.04 0.49 1.55
N THR B 175 -40.53 1.59 1.00
CA THR B 175 -41.78 1.58 0.25
C THR B 175 -41.71 0.51 -0.84
N PHE B 176 -40.68 0.58 -1.68
CA PHE B 176 -40.51 -0.39 -2.78
C PHE B 176 -40.50 -1.81 -2.21
N GLU B 177 -39.85 -1.98 -1.06
CA GLU B 177 -39.73 -3.28 -0.41
C GLU B 177 -41.10 -3.82 -0.02
N ARG B 178 -41.99 -2.92 0.38
CA ARG B 178 -43.30 -3.33 0.86
C ARG B 178 -44.26 -3.64 -0.29
N ASP B 179 -44.29 -2.75 -1.28
CA ASP B 179 -45.08 -2.93 -2.49
C ASP B 179 -44.63 -4.14 -3.30
N LEU B 180 -43.39 -4.09 -3.78
CA LEU B 180 -42.91 -5.00 -4.81
C LEU B 180 -42.33 -6.32 -4.27
N THR B 181 -42.18 -6.41 -2.95
CA THR B 181 -41.68 -7.62 -2.30
C THR B 181 -40.32 -8.08 -2.83
N ASP B 182 -39.35 -7.18 -2.75
CA ASP B 182 -37.95 -7.50 -3.05
C ASP B 182 -37.03 -6.54 -2.31
N SER B 183 -35.75 -6.87 -2.27
CA SER B 183 -34.76 -6.03 -1.59
C SER B 183 -34.52 -4.73 -2.35
N PHE B 184 -34.48 -3.62 -1.62
CA PHE B 184 -34.19 -2.31 -2.18
C PHE B 184 -33.43 -1.41 -1.20
N VAL B 185 -33.74 -1.54 0.08
CA VAL B 185 -33.14 -0.67 1.09
C VAL B 185 -31.62 -0.87 1.12
N GLY B 186 -30.89 0.23 0.97
CA GLY B 186 -29.44 0.18 1.00
C GLY B 186 -28.78 0.40 -0.35
N LEU B 187 -29.51 0.13 -1.44
CA LEU B 187 -28.94 0.35 -2.77
C LEU B 187 -28.69 1.84 -3.06
N SER B 188 -27.79 2.12 -4.00
CA SER B 188 -27.53 3.50 -4.39
C SER B 188 -28.66 3.94 -5.29
N VAL B 189 -28.74 5.24 -5.56
CA VAL B 189 -29.76 5.77 -6.45
C VAL B 189 -29.73 5.03 -7.79
N ASN B 190 -28.56 5.00 -8.43
CA ASN B 190 -28.36 4.31 -9.69
C ASN B 190 -28.78 2.85 -9.57
N GLN B 191 -28.27 2.15 -8.56
CA GLN B 191 -28.62 0.76 -8.34
C GLN B 191 -30.13 0.53 -8.18
N THR B 192 -30.83 1.48 -7.59
CA THR B 192 -32.27 1.36 -7.39
C THR B 192 -33.01 1.43 -8.74
N MET B 193 -32.69 2.43 -9.56
CA MET B 193 -33.23 2.50 -10.92
C MET B 193 -33.01 1.21 -11.69
N PHE B 194 -31.79 0.70 -11.64
CA PHE B 194 -31.43 -0.53 -12.33
C PHE B 194 -32.35 -1.67 -11.93
N LYS B 195 -32.51 -1.92 -10.63
CA LYS B 195 -33.34 -3.04 -10.19
C LYS B 195 -34.81 -2.80 -10.58
N LEU B 196 -35.25 -1.56 -10.49
CA LEU B 196 -36.61 -1.19 -10.88
C LEU B 196 -36.86 -1.42 -12.38
N ILE B 197 -35.87 -1.07 -13.20
CA ILE B 197 -36.00 -1.23 -14.63
C ILE B 197 -35.90 -2.70 -15.04
N LYS B 198 -34.94 -3.41 -14.46
CA LYS B 198 -34.76 -4.83 -14.71
C LYS B 198 -36.01 -5.63 -14.32
N LEU B 199 -36.82 -5.09 -13.42
CA LEU B 199 -38.03 -5.77 -12.98
C LEU B 199 -39.26 -5.18 -13.66
N GLY B 200 -39.06 -4.28 -14.62
CA GLY B 200 -40.13 -3.76 -15.44
C GLY B 200 -40.97 -2.63 -14.85
N TYR B 201 -40.57 -2.14 -13.68
CA TYR B 201 -41.29 -1.04 -13.02
C TYR B 201 -40.75 0.31 -13.47
N HIS B 202 -40.99 0.62 -14.74
CA HIS B 202 -40.49 1.84 -15.36
C HIS B 202 -41.19 3.06 -14.76
N GLY B 203 -42.39 2.87 -14.23
CA GLY B 203 -43.13 3.97 -13.66
C GLY B 203 -42.45 4.45 -12.40
N ARG B 204 -41.96 3.51 -11.60
CA ARG B 204 -41.23 3.86 -10.39
C ARG B 204 -39.83 4.37 -10.69
N ALA B 205 -39.14 3.69 -11.61
CA ALA B 205 -37.78 4.07 -11.97
C ALA B 205 -37.67 5.47 -12.55
N LYS B 206 -38.74 5.96 -13.16
CA LYS B 206 -38.72 7.31 -13.71
C LYS B 206 -38.99 8.30 -12.60
N LYS B 207 -39.61 7.82 -11.52
CA LYS B 207 -39.89 8.66 -10.37
C LYS B 207 -38.61 8.96 -9.62
N ILE B 208 -37.80 7.91 -9.42
CA ILE B 208 -36.49 8.07 -8.81
C ILE B 208 -35.65 9.08 -9.57
N GLN B 209 -35.55 8.90 -10.87
CA GLN B 209 -34.75 9.76 -11.73
C GLN B 209 -35.17 11.23 -11.59
N SER B 210 -36.46 11.49 -11.71
CA SER B 210 -36.95 12.87 -11.60
C SER B 210 -36.73 13.41 -10.18
N GLU B 211 -36.95 12.56 -9.19
CA GLU B 211 -36.85 12.94 -7.79
C GLU B 211 -35.42 13.37 -7.40
N PHE B 212 -34.45 12.51 -7.72
CA PHE B 212 -33.05 12.77 -7.36
C PHE B 212 -32.23 13.41 -8.47
N LYS B 213 -32.91 13.98 -9.46
CA LYS B 213 -32.27 14.73 -10.54
C LYS B 213 -31.08 13.99 -11.17
N VAL B 214 -31.22 12.69 -11.34
CA VAL B 214 -30.21 11.85 -12.00
C VAL B 214 -29.90 12.37 -13.40
N PRO B 215 -28.61 12.59 -13.69
CA PRO B 215 -28.18 13.11 -14.99
C PRO B 215 -28.71 12.30 -16.16
N GLU B 216 -28.97 12.96 -17.28
CA GLU B 216 -29.47 12.31 -18.49
C GLU B 216 -28.57 11.16 -18.91
N ARG B 217 -27.29 11.45 -19.16
CA ARG B 217 -26.34 10.46 -19.64
C ARG B 217 -26.25 9.25 -18.72
N VAL B 218 -26.38 9.48 -17.43
CA VAL B 218 -26.35 8.38 -16.48
C VAL B 218 -27.59 7.51 -16.64
N ALA B 219 -28.76 8.15 -16.67
CA ALA B 219 -30.03 7.42 -16.70
C ALA B 219 -30.19 6.63 -17.97
N TRP B 220 -29.73 7.20 -19.08
CA TRP B 220 -29.80 6.50 -20.37
C TRP B 220 -28.89 5.29 -20.32
N TRP B 221 -27.72 5.48 -19.77
CA TRP B 221 -26.74 4.40 -19.59
C TRP B 221 -27.22 3.27 -18.67
N ILE B 222 -27.91 3.64 -17.59
CA ILE B 222 -28.45 2.66 -16.65
C ILE B 222 -29.53 1.84 -17.29
N ARG B 223 -30.40 2.59 -17.94
CA ARG B 223 -31.60 2.08 -18.57
C ARG B 223 -31.20 1.03 -19.61
N LEU B 224 -30.19 1.36 -20.41
CA LEU B 224 -29.66 0.46 -21.43
C LEU B 224 -29.14 -0.84 -20.80
N GLN B 225 -28.29 -0.73 -19.79
CA GLN B 225 -27.67 -1.90 -19.16
C GLN B 225 -28.69 -2.82 -18.49
N ALA B 226 -29.77 -2.23 -18.00
CA ALA B 226 -30.77 -2.98 -17.29
C ALA B 226 -31.60 -3.86 -18.20
N LEU B 227 -32.05 -3.30 -19.32
CA LEU B 227 -32.88 -4.03 -20.27
C LEU B 227 -32.22 -5.28 -20.86
N VAL B 228 -30.91 -5.24 -21.08
CA VAL B 228 -30.20 -6.41 -21.59
C VAL B 228 -30.06 -7.53 -20.54
N ALA B 229 -30.29 -7.21 -19.27
CA ALA B 229 -30.21 -8.21 -18.22
C ALA B 229 -31.56 -8.90 -18.01
N UNK C 1 18.79 -51.07 -35.45
CA UNK C 1 17.75 -51.58 -34.56
C UNK C 1 17.89 -50.98 -33.17
N UNK C 2 19.12 -51.01 -32.65
CA UNK C 2 19.43 -50.45 -31.34
C UNK C 2 19.04 -48.97 -31.34
N UNK C 3 19.45 -48.29 -32.41
CA UNK C 3 19.17 -46.87 -32.60
C UNK C 3 17.67 -46.59 -32.58
N UNK C 4 16.91 -47.42 -33.29
CA UNK C 4 15.46 -47.30 -33.37
C UNK C 4 14.86 -47.36 -31.97
N UNK C 5 15.30 -48.32 -31.18
CA UNK C 5 14.83 -48.50 -29.81
C UNK C 5 15.05 -47.24 -28.97
N UNK C 6 16.24 -46.67 -29.07
CA UNK C 6 16.60 -45.46 -28.34
C UNK C 6 15.64 -44.31 -28.66
N UNK C 7 15.38 -44.11 -29.94
CA UNK C 7 14.48 -43.07 -30.42
C UNK C 7 13.08 -43.22 -29.81
N UNK C 8 12.58 -44.45 -29.81
CA UNK C 8 11.27 -44.79 -29.28
C UNK C 8 11.09 -44.40 -27.81
N UNK C 9 12.10 -44.70 -26.98
CA UNK C 9 12.06 -44.37 -25.56
C UNK C 9 11.85 -42.89 -25.33
N UNK C 10 12.61 -42.07 -26.05
CA UNK C 10 12.51 -40.61 -25.96
C UNK C 10 11.08 -40.14 -26.27
N UNK C 11 10.52 -40.68 -27.36
CA UNK C 11 9.17 -40.35 -27.81
C UNK C 11 8.12 -40.64 -26.72
N UNK C 12 8.22 -41.81 -26.10
CA UNK C 12 7.30 -42.23 -25.05
C UNK C 12 7.30 -41.22 -23.91
N UNK C 13 8.50 -40.81 -23.49
CA UNK C 13 8.68 -39.84 -22.42
C UNK C 13 7.97 -38.52 -22.72
N UNK C 14 8.16 -38.03 -23.94
CA UNK C 14 7.56 -36.76 -24.38
C UNK C 14 6.04 -36.74 -24.27
N UNK C 15 5.39 -37.81 -24.74
CA UNK C 15 3.93 -37.91 -24.69
C UNK C 15 3.40 -37.80 -23.26
N ARG C 16 1.84 -31.03 -26.13
CA ARG C 16 1.48 -29.65 -25.83
C ARG C 16 2.31 -28.69 -26.66
N ILE C 17 3.58 -29.03 -26.85
CA ILE C 17 4.55 -28.17 -27.53
C ILE C 17 4.08 -27.68 -28.90
N ASP C 18 3.56 -28.59 -29.72
CA ASP C 18 3.06 -28.25 -31.05
C ASP C 18 1.95 -27.19 -30.99
N LEU C 19 0.98 -27.39 -30.10
CA LEU C 19 -0.14 -26.46 -29.96
C LEU C 19 -0.01 -25.56 -28.73
N LEU C 20 1.15 -24.92 -28.59
CA LEU C 20 1.41 -24.01 -27.48
C LEU C 20 1.95 -22.71 -28.05
N VAL C 21 2.90 -22.83 -28.98
CA VAL C 21 3.49 -21.67 -29.64
C VAL C 21 2.37 -20.87 -30.31
N ASP C 22 1.50 -21.57 -31.04
CA ASP C 22 0.37 -20.96 -31.74
C ASP C 22 -0.54 -20.20 -30.77
N LYS C 23 -0.61 -20.67 -29.51
CA LYS C 23 -1.53 -20.13 -28.51
C LYS C 23 -1.18 -18.65 -28.42
N THR C 24 0.12 -18.41 -28.48
CA THR C 24 0.81 -17.28 -27.89
C THR C 24 0.71 -16.17 -28.93
N ASP C 25 0.97 -16.58 -30.17
CA ASP C 25 0.96 -15.72 -31.36
C ASP C 25 -0.36 -14.96 -31.52
N ARG C 26 -1.49 -15.64 -31.34
CA ARG C 26 -2.79 -14.99 -31.49
C ARG C 26 -2.84 -13.79 -30.53
N LEU C 27 -2.42 -14.00 -29.27
CA LEU C 27 -2.42 -12.93 -28.29
C LEU C 27 -1.53 -11.77 -28.76
N GLY C 28 -0.31 -12.11 -29.18
CA GLY C 28 0.65 -11.15 -29.68
C GLY C 28 0.19 -10.38 -30.90
N GLY C 29 -0.33 -11.12 -31.87
CA GLY C 29 -0.81 -10.58 -33.14
C GLY C 29 -1.91 -9.54 -33.12
N SER C 30 -1.82 -8.57 -32.23
CA SER C 30 -2.79 -7.48 -32.18
C SER C 30 -2.26 -6.29 -31.37
N ALA C 31 -1.98 -5.19 -32.07
CA ALA C 31 -1.51 -3.94 -31.48
C ALA C 31 -0.14 -4.06 -30.83
N ARG C 32 0.53 -2.92 -30.68
CA ARG C 32 1.83 -2.85 -30.03
C ARG C 32 1.99 -1.53 -29.31
N GLU C 33 0.85 -0.92 -28.97
CA GLU C 33 0.83 0.36 -28.26
C GLU C 33 -0.42 0.50 -27.37
N PHE C 34 -0.18 0.72 -26.07
CA PHE C 34 -1.25 1.06 -25.13
C PHE C 34 -1.59 2.54 -25.24
N ARG C 35 -1.92 3.00 -26.44
CA ARG C 35 -2.09 4.43 -26.70
C ARG C 35 -3.36 4.71 -27.49
#